data_7F55
#
_entry.id   7F55
#
_cell.length_a   1.00
_cell.length_b   1.00
_cell.length_c   1.00
_cell.angle_alpha   90.00
_cell.angle_beta   90.00
_cell.angle_gamma   90.00
#
_symmetry.space_group_name_H-M   'P 1'
#
loop_
_entity.id
_entity.type
_entity.pdbx_description
1 polymer 'Isoform Gnas-2 of Guanine nucleotide-binding protein G(s) subunit alpha isoforms short'
2 polymer 'Guanine nucleotide-binding protein G(I)/G(S)/G(T) subunit beta-1'
3 polymer 'Guanine nucleotide-binding protein G(I)/G(S)/G(O) subunit gamma-2'
4 polymer Nanobody35
5 polymer 'Melanocortin receptor 4'
6 polymer bremelanotide
7 non-polymer 'CALCIUM ION'
8 water water
#
loop_
_entity_poly.entity_id
_entity_poly.type
_entity_poly.pdbx_seq_one_letter_code
_entity_poly.pdbx_strand_id
1 'polypeptide(L)'
;MGCLGNSKTEDQRNEEKAQREANKKIEKQLQKDKQVYRATHRLLLLGAGESGKNTIVKQMRILHVNGFNGDSEKATKVQD
IKNNLKEAIETIVAAMSNLVPPVELANPENQFRVDYILSVMNVPDFDFPPEFYEHAKALWEDEGVRACYERSNEYQLIDC
AQYFLDKIDVIKQADYVPSDQDLLRCRVLTSGIFETKFQVDKVNFHMFDVGAQRDERRKWIQCFNDVTAIIFVVASSSYN
MVIREDNQTNRLQAALKLFDSIWNNKWLRDTSVILFLNKQDLLAEKVLAGKSKIEDYFPEFARYTTPEDATPEPGEDPRV
TRAKYFIRDEFLRISTASGDGRHYCYPHFTCAVDTENIRRVFNDCRDIIQRMHLRQYELL
;
A
2 'polypeptide(L)'
;MHHHHHHLEVLFQGPGSSGSELDQLRQEAEQLKNQIRDARKACADATLSQITNNIDPVGRIQMRTRRTLRGHLAKIYAMH
WGTDSRLLVSASQDGKLIIWDSYTTNKVHAIPLRSSWVMTCAYAPSGNYVACGGLDNICSIYNLKTREGNVRVSRELAGH
TGYLSCCRFLDDNQIVTSSGDTTCALWDIETGQQTTTFTGHTGDVMSLSLAPDTRLFVSGACDASAKLWDVREGMCRQTF
TGHESDINAICFFPNGNAFATGSDDATCRLFDLRADQELMTYSHDNIICGITSVSFSKSGRLLLAGYDDFNCNVWDALKA
DRAGVLAGHDNRVSCLGVTDDGMAVATGSWDSFLKIWNGSSGGGGSGGGGSSGVSGWRLFKKIS
;
B
3 'polypeptide(L)' MASNNTASIAQARKLVEQLKMEANIDRIKVSKAAADLMAYCEAHAKEDPLLTPVPASENPFREKKFFCAIL G
4 'polypeptide(L)'
;QVQLQESGGGLVQPGGSLRLSCAASGFTFSNYKMNWVRQAPGKGLEWVSDISQSGASISYTGSVKGRFTISRDNAKNTLY
LQMNSLKPEDTAVYYCARCPAPFTRDCFDVTSTTYAYRGQGTQVTV
;
N
5 'polypeptide(L)'
;GPMVNSTHRGMHTSLHLWNRSSYRLHSNASESLGKGYSDGGCYEQLFVSPEVFVTLGVISLLENILVIVAIAKNKNLHSP
MYFFICSLAVADMLVSVSNGSETIVITLLNSTDTDAQSFTVNIDNVIDSVICSSLLASICSLLSIAVDRYFTIFYALQYH
NIMTVKRVGIIISCIWAACTVSGILFIIYSDSSAVIICLITMFFTMLALMASLYVHMFLMARLHIKRIAVLPGTGAIRQG
ANMKGAITLTILIGVFVVCWAPFFLHLIFYISCPQNPYCVCFMSHFNLYLILIMCNSIIDPLIYALRSQELRKTFKEIIC
CYPLGGLCDLSSRYGGSGGSVFTLEDFVGDWEQTAAYNLDQVLEQGGVSSLLQNLAVSVTPIQRIVRSGENALKIDIHVI
IPYEGLSADQMAQIEEVFKVVYPVDDHHFKVILPYGTLVIDGVTPNMLNYFGRPYEGIAVFDGKKITVTGTLWNGNKIID
ERLITPDGSMLFRVTINSGGSLEVLFQ
;
R
6 'polypeptide(L)' (NLE)DH(DPN)RWK L
#
loop_
_chem_comp.id
_chem_comp.type
_chem_comp.name
_chem_comp.formula
CA non-polymer 'CALCIUM ION' 'Ca 2'
#
# COMPACT_ATOMS: atom_id res chain seq x y z
N ASP A 11 -12.36 26.37 -35.92
CA ASP A 11 -11.17 27.13 -35.55
C ASP A 11 -10.66 26.69 -34.18
N GLN A 12 -11.51 26.01 -33.42
CA GLN A 12 -11.12 25.48 -32.12
C GLN A 12 -10.19 24.29 -32.24
N ARG A 13 -10.11 23.66 -33.42
CA ARG A 13 -9.23 22.52 -33.60
C ARG A 13 -7.78 22.87 -33.37
N ASN A 14 -7.41 24.14 -33.48
CA ASN A 14 -6.01 24.49 -33.29
C ASN A 14 -5.64 24.36 -31.84
N GLU A 15 -6.61 24.56 -30.94
CA GLU A 15 -6.26 24.41 -29.55
C GLU A 15 -6.21 22.94 -29.19
N GLU A 16 -7.10 22.14 -29.79
CA GLU A 16 -7.12 20.71 -29.50
C GLU A 16 -5.84 20.05 -29.98
N LYS A 17 -5.37 20.46 -31.16
CA LYS A 17 -4.13 19.92 -31.69
C LYS A 17 -2.99 20.26 -30.76
N ALA A 18 -2.98 21.49 -30.25
CA ALA A 18 -1.91 21.88 -29.35
C ALA A 18 -1.88 21.00 -28.11
N GLN A 19 -3.06 20.63 -27.59
CA GLN A 19 -3.04 19.79 -26.40
C GLN A 19 -2.51 18.41 -26.71
N ARG A 20 -2.78 17.89 -27.92
CA ARG A 20 -2.25 16.58 -28.25
C ARG A 20 -0.74 16.62 -28.26
N GLU A 21 -0.18 17.71 -28.80
CA GLU A 21 1.28 17.82 -28.84
C GLU A 21 1.86 17.81 -27.44
N ALA A 22 1.19 18.49 -26.50
CA ALA A 22 1.70 18.52 -25.14
C ALA A 22 1.78 17.12 -24.56
N ASN A 23 0.74 16.31 -24.80
CA ASN A 23 0.78 14.96 -24.25
C ASN A 23 1.95 14.18 -24.83
N LYS A 24 2.20 14.33 -26.13
CA LYS A 24 3.30 13.60 -26.72
C LYS A 24 4.60 13.93 -26.01
N LYS A 25 4.85 15.22 -25.78
CA LYS A 25 6.06 15.59 -25.05
C LYS A 25 6.05 15.04 -23.63
N ILE A 26 4.91 15.12 -22.95
CA ILE A 26 4.85 14.66 -21.56
C ILE A 26 4.95 13.14 -21.44
N GLU A 27 4.22 12.41 -22.28
CA GLU A 27 4.22 10.95 -22.14
C GLU A 27 5.60 10.36 -22.42
N LYS A 28 6.31 10.90 -23.39
CA LYS A 28 7.65 10.37 -23.64
C LYS A 28 8.53 10.59 -22.43
N GLN A 29 8.41 11.77 -21.81
CA GLN A 29 9.25 12.01 -20.65
C GLN A 29 8.84 11.09 -19.51
N LEU A 30 7.54 10.83 -19.39
CA LEU A 30 7.10 9.96 -18.31
C LEU A 30 7.66 8.56 -18.53
N GLN A 31 7.73 8.13 -19.79
CA GLN A 31 8.27 6.79 -20.03
C GLN A 31 9.73 6.74 -19.63
N LYS A 32 10.48 7.81 -19.92
CA LYS A 32 11.88 7.80 -19.52
C LYS A 32 11.98 7.75 -18.01
N ASP A 33 11.11 8.48 -17.33
CA ASP A 33 11.17 8.51 -15.88
C ASP A 33 10.79 7.16 -15.32
N LYS A 34 9.86 6.47 -15.99
CA LYS A 34 9.46 5.16 -15.50
C LYS A 34 10.65 4.21 -15.47
N GLN A 35 11.53 4.32 -16.48
CA GLN A 35 12.68 3.44 -16.49
C GLN A 35 13.57 3.73 -15.30
N VAL A 36 13.74 5.00 -14.99
CA VAL A 36 14.57 5.37 -13.85
C VAL A 36 13.93 4.92 -12.55
N TYR A 37 12.61 5.12 -12.42
CA TYR A 37 11.91 4.75 -11.19
C TYR A 37 12.01 3.27 -10.86
N ARG A 38 11.70 2.39 -11.82
CA ARG A 38 11.69 0.96 -11.51
C ARG A 38 13.09 0.40 -11.25
N ALA A 39 14.13 1.01 -11.82
CA ALA A 39 15.48 0.52 -11.60
C ALA A 39 16.13 1.05 -10.32
N THR A 40 15.44 1.89 -9.56
CA THR A 40 16.00 2.47 -8.35
C THR A 40 15.41 1.79 -7.12
N HIS A 41 16.27 1.33 -6.22
CA HIS A 41 15.87 0.61 -5.02
C HIS A 41 15.83 1.54 -3.81
N ARG A 42 14.63 1.76 -3.27
CA ARG A 42 14.43 2.68 -2.14
C ARG A 42 14.51 1.93 -0.81
N LEU A 43 15.23 2.53 0.15
CA LEU A 43 15.42 1.96 1.47
C LEU A 43 15.05 2.97 2.55
N LEU A 44 14.34 2.50 3.59
CA LEU A 44 14.01 3.36 4.73
C LEU A 44 14.95 3.04 5.87
N LEU A 45 15.57 4.06 6.47
CA LEU A 45 16.48 3.86 7.60
C LEU A 45 15.92 4.37 8.93
N LEU A 46 15.67 3.45 9.86
CA LEU A 46 15.13 3.71 11.19
C LEU A 46 16.12 3.21 12.25
N GLY A 47 16.03 3.79 13.45
CA GLY A 47 16.84 3.23 14.50
C GLY A 47 16.55 3.83 15.87
N ALA A 48 17.22 3.25 16.85
CA ALA A 48 17.11 3.63 18.26
C ALA A 48 17.71 5.01 18.50
N GLY A 49 17.24 5.68 19.55
CA GLY A 49 17.78 6.99 19.87
C GLY A 49 19.28 6.97 20.07
N GLU A 50 19.81 5.86 20.59
CA GLU A 50 21.25 5.72 20.79
C GLU A 50 21.91 4.96 19.64
N SER A 51 21.15 4.67 18.59
CA SER A 51 21.67 3.95 17.44
C SER A 51 22.73 4.76 16.73
N GLY A 52 23.78 4.09 16.25
CA GLY A 52 24.79 4.80 15.51
C GLY A 52 24.40 5.02 14.07
N LYS A 53 23.24 5.66 13.85
CA LYS A 53 22.74 5.87 12.51
C LYS A 53 23.72 6.70 11.70
N ASN A 54 24.41 7.65 12.36
CA ASN A 54 25.34 8.51 11.65
C ASN A 54 26.49 7.68 11.11
N THR A 55 26.79 6.55 11.75
CA THR A 55 27.86 5.69 11.29
C THR A 55 27.31 4.68 10.30
N ILE A 56 26.01 4.40 10.37
CA ILE A 56 25.38 3.55 9.37
C ILE A 56 25.45 4.27 8.02
N VAL A 57 25.21 5.57 8.03
CA VAL A 57 25.27 6.38 6.81
C VAL A 57 26.72 6.63 6.39
N LYS A 58 27.57 7.06 7.34
CA LYS A 58 28.94 7.39 6.98
C LYS A 58 29.72 6.18 6.47
N GLN A 59 29.41 4.99 6.94
CA GLN A 59 30.15 3.80 6.51
C GLN A 59 29.59 3.20 5.24
N MET A 60 28.53 3.77 4.68
CA MET A 60 27.92 3.29 3.45
C MET A 60 28.28 4.21 2.28
N SER A 191 16.44 19.20 7.86
CA SER A 191 14.99 19.24 7.71
C SER A 191 14.33 17.96 8.21
N GLY A 192 13.16 17.62 7.65
CA GLY A 192 12.41 16.48 8.09
C GLY A 192 12.76 15.15 7.47
N ILE A 193 13.62 15.15 6.45
CA ILE A 193 14.01 13.93 5.77
C ILE A 193 15.29 14.21 5.00
N PHE A 194 16.19 13.23 4.98
CA PHE A 194 17.44 13.36 4.26
C PHE A 194 17.56 12.19 3.29
N GLU A 195 18.22 12.43 2.16
CA GLU A 195 18.38 11.42 1.14
C GLU A 195 19.86 11.18 0.85
N THR A 196 20.22 9.91 0.71
CA THR A 196 21.57 9.49 0.36
C THR A 196 21.47 8.55 -0.83
N LYS A 197 22.28 8.76 -1.85
CA LYS A 197 22.26 7.85 -2.98
C LYS A 197 23.55 7.05 -3.03
N PHE A 198 23.42 5.80 -3.47
CA PHE A 198 24.57 4.90 -3.60
C PHE A 198 24.50 4.22 -4.95
N GLN A 199 25.68 3.89 -5.50
CA GLN A 199 25.76 3.02 -6.66
C GLN A 199 26.64 1.86 -6.26
N VAL A 200 26.05 0.67 -6.15
CA VAL A 200 26.76 -0.53 -5.74
C VAL A 200 26.71 -1.51 -6.90
N ASP A 201 27.87 -1.77 -7.50
CA ASP A 201 27.98 -2.69 -8.64
C ASP A 201 26.98 -2.33 -9.74
N LYS A 202 26.95 -1.05 -10.12
CA LYS A 202 26.06 -0.52 -11.14
C LYS A 202 24.59 -0.60 -10.77
N VAL A 203 24.26 -0.74 -9.48
CA VAL A 203 22.87 -0.76 -9.02
C VAL A 203 22.63 0.48 -8.18
N ASN A 204 21.58 1.23 -8.50
CA ASN A 204 21.28 2.50 -7.85
C ASN A 204 20.36 2.32 -6.65
N PHE A 205 20.84 2.70 -5.47
CA PHE A 205 20.09 2.61 -4.22
C PHE A 205 19.81 4.01 -3.72
N HIS A 206 18.63 4.21 -3.14
CA HIS A 206 18.19 5.49 -2.61
C HIS A 206 17.74 5.29 -1.18
N MET A 207 18.53 5.75 -0.22
CA MET A 207 18.25 5.58 1.20
C MET A 207 17.73 6.87 1.81
N PHE A 208 16.58 6.78 2.47
CA PHE A 208 15.94 7.92 3.12
C PHE A 208 16.06 7.78 4.62
N ASP A 209 16.59 8.81 5.27
CA ASP A 209 16.76 8.86 6.71
C ASP A 209 15.74 9.86 7.25
N VAL A 210 14.98 9.45 8.25
CA VAL A 210 13.96 10.31 8.84
C VAL A 210 14.64 11.42 9.63
N GLY A 211 14.37 12.67 9.23
CA GLY A 211 14.94 13.83 9.87
C GLY A 211 14.17 14.27 11.09
N ALA A 212 14.06 15.58 11.31
CA ALA A 212 13.48 16.09 12.53
C ALA A 212 11.97 15.95 12.65
N GLN A 213 11.48 14.72 12.55
CA GLN A 213 10.06 14.42 12.66
C GLN A 213 9.69 14.19 14.13
N ARG A 214 8.40 14.33 14.42
CA ARG A 214 7.88 14.03 15.75
C ARG A 214 8.01 12.54 16.04
N ASP A 215 8.22 12.21 17.32
CA ASP A 215 8.39 10.83 17.77
C ASP A 215 7.19 9.95 17.48
N GLU A 216 6.06 10.51 17.03
CA GLU A 216 4.88 9.71 16.72
C GLU A 216 5.02 9.21 15.29
N ARG A 217 5.30 7.92 15.14
CA ARG A 217 5.61 7.31 13.85
C ARG A 217 4.39 6.80 13.10
N ARG A 218 3.24 6.68 13.74
CA ARG A 218 2.14 5.92 13.15
C ARG A 218 1.57 6.54 11.88
N LYS A 219 1.89 7.79 11.55
CA LYS A 219 1.33 8.39 10.35
C LYS A 219 2.29 8.47 9.17
N TRP A 220 3.57 8.81 9.36
CA TRP A 220 4.48 8.77 8.23
C TRP A 220 5.03 7.37 7.94
N ILE A 221 4.85 6.41 8.86
CA ILE A 221 5.30 5.05 8.63
C ILE A 221 4.55 4.43 7.45
N GLN A 222 3.27 4.79 7.31
CA GLN A 222 2.44 4.30 6.22
C GLN A 222 2.97 4.72 4.86
N CYS A 223 3.53 5.92 4.76
CA CYS A 223 4.08 6.38 3.49
C CYS A 223 5.19 5.46 2.98
N PHE A 224 6.11 5.05 3.84
CA PHE A 224 7.17 4.13 3.42
C PHE A 224 6.69 2.67 3.34
N ASN A 225 5.63 2.42 2.58
CA ASN A 225 5.08 1.07 2.52
C ASN A 225 5.38 0.38 1.20
N ASP A 226 6.28 0.94 0.39
CA ASP A 226 6.62 0.34 -0.89
C ASP A 226 8.13 0.39 -1.13
N VAL A 227 8.91 0.60 -0.07
CA VAL A 227 10.35 0.58 -0.19
C VAL A 227 10.82 -0.86 -0.35
N THR A 228 12.01 -1.02 -0.90
CA THR A 228 12.56 -2.37 -1.04
C THR A 228 12.75 -3.00 0.34
N ALA A 229 13.27 -2.23 1.29
CA ALA A 229 13.48 -2.77 2.63
C ALA A 229 13.53 -1.64 3.65
N ILE A 230 13.27 -2.03 4.89
CA ILE A 230 13.43 -1.14 6.03
C ILE A 230 14.68 -1.61 6.76
N ILE A 231 15.60 -0.69 7.02
CA ILE A 231 16.80 -1.01 7.76
C ILE A 231 16.60 -0.46 9.16
N PHE A 232 16.62 -1.34 10.14
CA PHE A 232 16.35 -0.99 11.52
C PHE A 232 17.64 -1.26 12.30
N VAL A 233 18.19 -0.23 12.93
CA VAL A 233 19.46 -0.36 13.62
C VAL A 233 19.21 -0.21 15.12
N VAL A 234 19.59 -1.24 15.88
CA VAL A 234 19.40 -1.29 17.33
C VAL A 234 20.75 -1.47 18.00
N ALA A 235 21.02 -0.64 19.00
CA ALA A 235 22.26 -0.75 19.76
C ALA A 235 22.01 -1.66 20.96
N SER A 236 22.92 -2.60 21.19
CA SER A 236 22.81 -3.47 22.34
C SER A 236 23.41 -2.84 23.59
N SER A 237 22.95 -3.31 24.74
CA SER A 237 23.43 -2.84 26.03
C SER A 237 22.94 -3.74 27.16
N GLN A 248 18.99 5.29 32.79
CA GLN A 248 19.09 4.46 31.58
C GLN A 248 17.94 3.46 31.51
N THR A 249 17.03 3.69 30.57
CA THR A 249 15.87 2.83 30.39
C THR A 249 16.27 1.55 29.65
N ASN A 250 15.33 0.59 29.60
CA ASN A 250 15.57 -0.66 28.91
C ASN A 250 15.41 -0.43 27.41
N ARG A 251 16.44 0.15 26.81
CA ARG A 251 16.39 0.59 25.42
C ARG A 251 16.08 -0.58 24.48
N LEU A 252 16.57 -1.78 24.82
CA LEU A 252 16.30 -2.94 23.99
C LEU A 252 14.82 -3.28 23.99
N GLN A 253 14.14 -3.14 25.13
CA GLN A 253 12.72 -3.48 25.14
C GLN A 253 11.96 -2.51 24.27
N ALA A 254 12.40 -1.24 24.26
CA ALA A 254 11.76 -0.22 23.44
C ALA A 254 11.94 -0.59 21.97
N ALA A 255 13.14 -1.04 21.62
CA ALA A 255 13.41 -1.45 20.24
C ALA A 255 12.58 -2.66 19.85
N LEU A 256 12.39 -3.60 20.79
CA LEU A 256 11.58 -4.77 20.49
C LEU A 256 10.13 -4.39 20.27
N LYS A 257 9.66 -3.43 21.07
CA LYS A 257 8.29 -2.94 20.98
C LYS A 257 8.04 -2.20 19.67
N LEU A 258 9.06 -1.49 19.19
CA LEU A 258 8.95 -0.79 17.92
C LEU A 258 9.01 -1.78 16.77
N PHE A 259 9.91 -2.76 16.86
CA PHE A 259 10.01 -3.77 15.82
C PHE A 259 8.67 -4.48 15.66
N ASP A 260 8.11 -4.87 16.78
CA ASP A 260 6.83 -5.56 16.83
C ASP A 260 5.77 -4.75 16.12
N SER A 261 5.64 -3.48 16.47
CA SER A 261 4.60 -2.64 15.90
C SER A 261 4.80 -2.42 14.41
N ILE A 262 6.05 -2.23 13.98
CA ILE A 262 6.35 -2.06 12.56
C ILE A 262 6.02 -3.32 11.77
N TRP A 263 6.42 -4.47 12.31
CA TRP A 263 6.21 -5.76 11.65
C TRP A 263 4.73 -6.09 11.48
N ASN A 264 3.91 -5.80 12.48
CA ASN A 264 2.49 -6.13 12.42
C ASN A 264 1.63 -5.00 11.86
N ASN A 265 2.24 -4.00 11.24
CA ASN A 265 1.48 -2.90 10.66
C ASN A 265 0.77 -3.40 9.41
N LYS A 266 -0.52 -3.08 9.28
CA LYS A 266 -1.28 -3.59 8.14
C LYS A 266 -0.73 -3.11 6.80
N TRP A 267 -0.04 -1.97 6.77
CA TRP A 267 0.45 -1.46 5.50
C TRP A 267 1.86 -1.92 5.17
N LEU A 268 2.56 -2.54 6.11
CA LEU A 268 3.95 -2.91 5.94
C LEU A 268 4.12 -4.43 5.85
N ARG A 269 3.02 -5.15 5.61
CA ARG A 269 3.04 -6.61 5.61
C ARG A 269 3.91 -7.19 4.50
N ASP A 270 4.25 -6.42 3.49
CA ASP A 270 5.06 -6.97 2.40
C ASP A 270 6.45 -6.36 2.35
N THR A 271 6.82 -5.63 3.38
CA THR A 271 8.14 -4.99 3.42
C THR A 271 9.05 -5.77 4.34
N SER A 272 10.19 -6.19 3.80
CA SER A 272 11.18 -6.93 4.57
C SER A 272 11.99 -5.97 5.42
N VAL A 273 12.57 -6.49 6.49
CA VAL A 273 13.36 -5.68 7.41
C VAL A 273 14.76 -6.25 7.52
N ILE A 274 15.75 -5.39 7.32
CA ILE A 274 17.16 -5.71 7.49
C ILE A 274 17.50 -5.14 8.86
N LEU A 275 17.95 -5.99 9.77
CA LEU A 275 18.15 -5.56 11.15
C LEU A 275 19.62 -5.61 11.50
N PHE A 276 20.16 -4.47 11.91
CA PHE A 276 21.55 -4.36 12.32
C PHE A 276 21.60 -4.22 13.83
N LEU A 277 22.39 -5.08 14.46
CA LEU A 277 22.65 -5.02 15.89
C LEU A 277 24.04 -4.40 16.04
N ASN A 278 24.09 -3.22 16.62
CA ASN A 278 25.32 -2.46 16.68
C ASN A 278 25.97 -2.52 18.06
N LYS A 279 27.12 -1.87 18.16
CA LYS A 279 27.87 -1.70 19.41
C LYS A 279 28.10 -3.04 20.12
N GLN A 280 28.62 -4.01 19.36
CA GLN A 280 28.84 -5.34 19.92
C GLN A 280 29.86 -5.31 21.06
N ASP A 281 30.83 -4.40 21.01
CA ASP A 281 31.82 -4.35 22.08
C ASP A 281 31.25 -3.78 23.38
N LEU A 282 30.17 -3.01 23.30
CA LEU A 282 29.60 -2.51 24.55
C LEU A 282 28.81 -3.62 25.22
N LEU A 283 28.13 -4.43 24.40
CA LEU A 283 27.39 -5.56 24.95
C LEU A 283 28.38 -6.55 25.54
N ALA A 284 29.46 -6.83 24.79
CA ALA A 284 30.44 -7.81 25.24
C ALA A 284 31.05 -7.38 26.57
N GLU A 285 31.39 -6.09 26.70
CA GLU A 285 32.02 -5.64 27.93
C GLU A 285 31.02 -5.65 29.08
N LYS A 286 29.78 -5.25 28.81
CA LYS A 286 28.77 -5.21 29.87
C LYS A 286 28.49 -6.63 30.39
N VAL A 287 28.41 -7.59 29.49
CA VAL A 287 28.09 -8.96 29.86
C VAL A 287 29.26 -9.63 30.57
N LEU A 288 30.48 -9.46 30.06
CA LEU A 288 31.62 -10.11 30.72
C LEU A 288 31.99 -9.43 32.04
N ALA A 289 31.76 -8.13 32.16
CA ALA A 289 32.07 -7.41 33.41
C ALA A 289 31.44 -8.07 34.63
N LYS A 293 23.63 -9.74 33.70
CA LYS A 293 22.82 -8.54 33.85
C LYS A 293 21.56 -8.65 33.00
N ILE A 294 21.62 -9.50 31.96
CA ILE A 294 20.49 -9.69 31.06
C ILE A 294 19.30 -10.24 31.83
N GLU A 295 19.55 -11.15 32.77
CA GLU A 295 18.47 -11.80 33.51
C GLU A 295 17.63 -10.80 34.30
N ASP A 296 18.14 -9.58 34.53
CA ASP A 296 17.38 -8.60 35.29
C ASP A 296 16.38 -7.88 34.41
N TYR A 297 16.45 -8.10 33.11
CA TYR A 297 15.60 -7.52 32.09
C TYR A 297 14.90 -8.60 31.28
N PHE A 298 15.57 -9.72 31.03
CA PHE A 298 15.07 -10.82 30.21
C PHE A 298 15.32 -12.11 30.96
N PRO A 299 14.53 -12.42 32.00
CA PRO A 299 14.80 -13.59 32.84
C PRO A 299 15.01 -14.90 32.09
N GLU A 300 14.34 -15.10 30.95
CA GLU A 300 14.51 -16.34 30.22
C GLU A 300 15.93 -16.55 29.72
N PHE A 301 16.75 -15.50 29.73
CA PHE A 301 18.13 -15.65 29.32
C PHE A 301 18.85 -16.64 30.22
N ALA A 302 18.39 -16.77 31.48
CA ALA A 302 19.04 -17.68 32.40
C ALA A 302 19.00 -19.12 31.90
N ARG A 303 18.05 -19.45 31.02
CA ARG A 303 17.92 -20.80 30.50
C ARG A 303 18.30 -20.90 29.03
N TYR A 304 18.85 -19.84 28.45
CA TYR A 304 19.21 -19.83 27.04
C TYR A 304 20.53 -20.53 26.79
N THR A 305 20.59 -21.29 25.71
CA THR A 305 21.83 -21.94 25.27
C THR A 305 22.15 -21.51 23.85
N THR A 306 23.45 -21.50 23.55
CA THR A 306 23.92 -21.12 22.22
C THR A 306 23.32 -22.02 21.15
N PRO A 307 22.78 -21.46 20.07
CA PRO A 307 22.25 -22.29 18.99
C PRO A 307 23.31 -23.23 18.42
N GLU A 308 22.88 -24.41 18.01
CA GLU A 308 23.79 -25.41 17.46
C GLU A 308 24.42 -24.96 16.15
N ASP A 309 23.79 -24.01 15.45
CA ASP A 309 24.30 -23.47 14.19
C ASP A 309 24.97 -22.11 14.35
N ALA A 310 25.32 -21.73 15.57
CA ALA A 310 26.02 -20.48 15.80
C ALA A 310 27.43 -20.55 15.24
N THR A 311 27.88 -19.45 14.64
CA THR A 311 29.22 -19.33 14.09
C THR A 311 29.90 -18.05 14.58
N PRO A 312 30.28 -18.03 15.86
CA PRO A 312 30.93 -16.83 16.40
C PRO A 312 32.34 -16.66 15.86
N GLU A 313 32.83 -15.43 15.91
CA GLU A 313 34.20 -15.18 15.50
C GLU A 313 35.16 -15.77 16.54
N PRO A 314 36.35 -16.18 16.13
CA PRO A 314 37.38 -16.60 17.09
C PRO A 314 37.70 -15.50 18.09
N GLY A 315 37.87 -15.89 19.36
CA GLY A 315 38.21 -14.96 20.41
C GLY A 315 37.04 -14.45 21.22
N GLU A 316 35.80 -14.70 20.78
CA GLU A 316 34.64 -14.25 21.52
C GLU A 316 34.39 -15.07 22.77
N ASP A 317 33.95 -14.37 23.80
CA ASP A 317 33.59 -14.95 25.09
C ASP A 317 32.25 -15.65 24.96
N PRO A 318 32.16 -16.96 25.23
CA PRO A 318 30.87 -17.67 25.06
C PRO A 318 29.70 -16.96 25.72
N ARG A 319 29.94 -16.17 26.77
CA ARG A 319 28.84 -15.46 27.41
C ARG A 319 28.36 -14.34 26.50
N VAL A 320 29.28 -13.80 25.70
CA VAL A 320 28.93 -12.72 24.80
C VAL A 320 28.21 -13.30 23.61
N THR A 321 28.67 -14.46 23.13
CA THR A 321 28.01 -15.08 21.99
C THR A 321 26.59 -15.47 22.38
N ARG A 322 26.41 -15.94 23.61
CA ARG A 322 25.06 -16.26 24.04
C ARG A 322 24.21 -15.00 24.12
N ALA A 323 24.77 -13.89 24.62
CA ALA A 323 23.96 -12.67 24.69
C ALA A 323 23.56 -12.20 23.29
N LYS A 324 24.48 -12.28 22.33
CA LYS A 324 24.19 -11.86 20.96
C LYS A 324 23.09 -12.72 20.34
N TYR A 325 23.19 -14.04 20.52
CA TYR A 325 22.18 -14.88 19.91
C TYR A 325 20.87 -14.79 20.65
N PHE A 326 20.91 -14.55 21.97
CA PHE A 326 19.68 -14.36 22.71
C PHE A 326 18.90 -13.17 22.16
N ILE A 327 19.60 -12.04 21.98
CA ILE A 327 18.92 -10.85 21.47
C ILE A 327 18.42 -11.09 20.05
N ARG A 328 19.27 -11.69 19.20
CA ARG A 328 18.84 -11.97 17.84
C ARG A 328 17.59 -12.82 17.85
N ASP A 329 17.57 -13.85 18.71
CA ASP A 329 16.43 -14.76 18.76
C ASP A 329 15.21 -14.04 19.30
N GLU A 330 15.40 -13.04 20.16
CA GLU A 330 14.25 -12.29 20.66
C GLU A 330 13.59 -11.53 19.54
N PHE A 331 14.39 -11.01 18.60
CA PHE A 331 13.80 -10.33 17.44
C PHE A 331 13.19 -11.35 16.46
N LEU A 332 13.90 -12.47 16.26
CA LEU A 332 13.45 -13.48 15.32
C LEU A 332 12.19 -14.17 15.76
N ARG A 333 11.97 -14.36 17.07
CA ARG A 333 10.72 -14.99 17.48
C ARG A 333 9.54 -14.13 17.05
N ILE A 334 9.69 -12.81 17.13
CA ILE A 334 8.61 -11.90 16.74
C ILE A 334 8.38 -12.03 15.24
N SER A 335 9.48 -11.99 14.49
CA SER A 335 9.37 -12.06 13.03
C SER A 335 8.75 -13.38 12.58
N THR A 336 9.21 -14.49 13.16
CA THR A 336 8.73 -15.79 12.76
C THR A 336 7.27 -15.98 13.14
N ALA A 337 6.90 -15.60 14.37
CA ALA A 337 5.54 -15.79 14.84
C ALA A 337 4.54 -14.99 14.02
N SER A 338 4.88 -13.76 13.65
CA SER A 338 3.90 -12.98 12.90
C SER A 338 3.98 -13.17 11.39
N GLY A 339 5.15 -13.53 10.86
CA GLY A 339 5.29 -13.61 9.41
C GLY A 339 4.52 -14.77 8.82
N ASP A 340 3.98 -14.56 7.62
CA ASP A 340 3.24 -15.60 6.91
C ASP A 340 3.84 -15.86 5.53
N GLY A 341 5.17 -15.76 5.44
CA GLY A 341 5.89 -15.99 4.21
C GLY A 341 5.90 -14.82 3.23
N ARG A 342 5.33 -13.68 3.61
CA ARG A 342 5.27 -12.52 2.74
C ARG A 342 6.47 -11.59 2.88
N HIS A 343 7.16 -11.64 4.01
CA HIS A 343 8.34 -10.81 4.27
C HIS A 343 9.17 -11.46 5.35
N TYR A 344 10.47 -11.12 5.36
CA TYR A 344 11.43 -11.75 6.25
C TYR A 344 12.34 -10.72 6.91
N CYS A 345 12.91 -11.12 8.04
CA CYS A 345 13.90 -10.37 8.80
C CYS A 345 15.29 -10.93 8.51
N TYR A 346 16.27 -10.04 8.29
CA TYR A 346 17.65 -10.43 8.00
C TYR A 346 18.58 -9.79 9.04
N PRO A 347 18.58 -10.32 10.27
CA PRO A 347 19.43 -9.74 11.33
C PRO A 347 20.91 -9.95 11.08
N HIS A 348 21.70 -8.95 11.48
CA HIS A 348 23.15 -8.98 11.35
C HIS A 348 23.80 -8.44 12.62
N PHE A 349 24.99 -8.96 12.93
CA PHE A 349 25.79 -8.55 14.09
C PHE A 349 26.96 -7.73 13.58
N THR A 350 26.87 -6.41 13.67
CA THR A 350 27.91 -5.57 13.11
C THR A 350 28.58 -4.71 14.17
N CYS A 351 29.74 -4.18 13.80
CA CYS A 351 30.55 -3.27 14.62
C CYS A 351 30.13 -1.84 14.35
N ALA A 352 30.46 -0.95 15.30
CA ALA A 352 30.12 0.46 15.10
C ALA A 352 30.77 1.00 13.83
N VAL A 353 31.99 0.56 13.53
CA VAL A 353 32.71 0.99 12.33
C VAL A 353 32.97 -0.25 11.50
N ASP A 354 32.33 -0.36 10.34
CA ASP A 354 32.51 -1.53 9.48
C ASP A 354 32.01 -1.21 8.09
N THR A 355 32.90 -1.17 7.10
CA THR A 355 32.50 -0.82 5.75
C THR A 355 31.80 -1.99 5.04
N GLU A 356 31.92 -3.20 5.60
CA GLU A 356 31.30 -4.36 4.99
C GLU A 356 29.79 -4.24 4.99
N ASN A 357 29.25 -3.35 5.84
CA ASN A 357 27.82 -3.19 5.91
C ASN A 357 27.24 -2.78 4.56
N ILE A 358 28.05 -2.12 3.72
CA ILE A 358 27.51 -1.72 2.42
C ILE A 358 27.18 -2.92 1.57
N ARG A 359 27.93 -4.01 1.71
CA ARG A 359 27.60 -5.17 0.89
C ARG A 359 26.50 -5.99 1.55
N ARG A 360 26.38 -5.93 2.89
CA ARG A 360 25.32 -6.67 3.56
C ARG A 360 23.96 -6.20 3.10
N VAL A 361 23.79 -4.90 2.92
CA VAL A 361 22.49 -4.42 2.45
C VAL A 361 22.27 -4.88 1.01
N PHE A 362 23.31 -4.76 0.17
CA PHE A 362 23.18 -5.13 -1.23
C PHE A 362 22.75 -6.58 -1.36
N ASN A 363 23.45 -7.47 -0.65
CA ASN A 363 23.14 -8.89 -0.76
C ASN A 363 21.76 -9.18 -0.21
N ASP A 364 21.37 -8.48 0.86
CA ASP A 364 20.05 -8.74 1.41
C ASP A 364 18.99 -8.27 0.45
N CYS A 365 19.22 -7.12 -0.19
CA CYS A 365 18.20 -6.62 -1.11
C CYS A 365 18.01 -7.63 -2.22
N ARG A 366 19.13 -8.19 -2.71
CA ARG A 366 19.04 -9.19 -3.76
C ARG A 366 18.19 -10.36 -3.32
N ASP A 367 18.46 -10.89 -2.12
CA ASP A 367 17.73 -12.07 -1.71
C ASP A 367 16.26 -11.75 -1.54
N ILE A 368 15.94 -10.53 -1.08
CA ILE A 368 14.55 -10.19 -0.88
C ILE A 368 13.81 -10.24 -2.21
N ILE A 369 14.42 -9.65 -3.23
CA ILE A 369 13.78 -9.65 -4.53
C ILE A 369 13.71 -11.05 -5.08
N GLN A 370 14.79 -11.83 -4.93
CA GLN A 370 14.74 -13.17 -5.50
C GLN A 370 13.64 -13.99 -4.84
N ARG A 371 13.49 -13.88 -3.52
CA ARG A 371 12.45 -14.72 -2.94
C ARG A 371 11.08 -14.20 -3.31
N MET A 372 10.96 -12.89 -3.58
CA MET A 372 9.68 -12.37 -4.02
C MET A 372 9.29 -13.03 -5.32
N HIS A 373 10.24 -13.10 -6.27
CA HIS A 373 9.91 -13.68 -7.55
C HIS A 373 9.70 -15.18 -7.40
N LEU A 374 10.48 -15.81 -6.51
CA LEU A 374 10.30 -17.24 -6.32
C LEU A 374 8.92 -17.52 -5.75
N ARG A 375 8.40 -16.59 -4.94
CA ARG A 375 7.05 -16.76 -4.44
C ARG A 375 6.04 -16.67 -5.59
N GLN A 376 6.29 -15.73 -6.49
CA GLN A 376 5.41 -15.50 -7.62
C GLN A 376 5.35 -16.68 -8.60
N TYR A 377 6.46 -17.40 -8.72
CA TYR A 377 6.56 -18.50 -9.66
C TYR A 377 6.22 -19.85 -9.03
N GLU A 378 5.73 -19.81 -7.80
CA GLU A 378 5.37 -21.02 -7.04
C GLU A 378 6.52 -22.02 -6.87
N LEU A 379 7.74 -21.51 -6.77
CA LEU A 379 8.93 -22.31 -6.55
C LEU A 379 9.37 -22.31 -5.10
N LEU A 380 9.01 -21.27 -4.36
CA LEU A 380 9.37 -21.11 -2.96
C LEU A 380 8.12 -20.86 -2.12
N GLU B 21 -0.42 23.74 43.19
CA GLU B 21 -1.18 24.55 42.25
C GLU B 21 -1.65 23.72 41.06
N LEU B 22 -0.81 22.78 40.61
CA LEU B 22 -1.12 22.02 39.41
C LEU B 22 -2.41 21.22 39.59
N ASP B 23 -2.64 20.69 40.79
CA ASP B 23 -3.84 19.89 41.00
C ASP B 23 -5.07 20.79 41.01
N GLN B 24 -4.92 22.03 41.47
CA GLN B 24 -6.06 22.93 41.52
C GLN B 24 -6.36 23.45 40.13
N LEU B 25 -5.33 23.70 39.32
CA LEU B 25 -5.59 24.13 37.96
C LEU B 25 -6.25 23.01 37.18
N ARG B 26 -5.83 21.76 37.42
CA ARG B 26 -6.45 20.62 36.76
C ARG B 26 -7.91 20.51 37.18
N GLN B 27 -8.19 20.72 38.46
CA GLN B 27 -9.57 20.66 38.94
C GLN B 27 -10.40 21.76 38.30
N GLU B 28 -9.82 22.95 38.14
CA GLU B 28 -10.55 24.05 37.52
C GLU B 28 -10.86 23.70 36.07
N ALA B 29 -9.90 23.08 35.38
CA ALA B 29 -10.12 22.69 34.00
C ALA B 29 -11.25 21.67 33.93
N GLU B 30 -11.29 20.74 34.88
CA GLU B 30 -12.34 19.72 34.88
C GLU B 30 -13.69 20.36 35.16
N GLN B 31 -13.72 21.38 36.03
CA GLN B 31 -14.97 22.05 36.33
C GLN B 31 -15.48 22.78 35.09
N LEU B 32 -14.57 23.40 34.34
CA LEU B 32 -14.98 24.09 33.12
C LEU B 32 -15.47 23.08 32.09
N LYS B 33 -14.81 21.93 32.00
CA LYS B 33 -15.25 20.91 31.06
C LYS B 33 -16.65 20.43 31.41
N ASN B 34 -16.93 20.28 32.72
CA ASN B 34 -18.26 19.84 33.13
C ASN B 34 -19.29 20.92 32.82
N GLN B 35 -18.91 22.19 32.98
CA GLN B 35 -19.85 23.27 32.66
C GLN B 35 -20.15 23.29 31.18
N ILE B 36 -19.14 23.02 30.35
CA ILE B 36 -19.36 22.98 28.91
C ILE B 36 -20.27 21.80 28.55
N ARG B 37 -20.03 20.64 29.15
CA ARG B 37 -20.87 19.48 28.86
C ARG B 37 -22.32 19.77 29.23
N ASP B 38 -22.55 20.42 30.38
CA ASP B 38 -23.93 20.70 30.77
C ASP B 38 -24.54 21.76 29.85
N ALA B 39 -23.74 22.74 29.45
CA ALA B 39 -24.21 23.77 28.53
C ALA B 39 -24.64 23.16 27.20
N ARG B 40 -23.94 22.10 26.77
CA ARG B 40 -24.31 21.44 25.52
C ARG B 40 -25.54 20.57 25.72
N LYS B 41 -25.63 19.87 26.85
CA LYS B 41 -26.79 19.03 27.10
C LYS B 41 -28.06 19.87 27.13
N ALA B 42 -27.95 21.10 27.66
CA ALA B 42 -29.11 21.99 27.78
C ALA B 42 -29.77 22.28 26.43
N CYS B 43 -29.02 22.20 25.34
CA CYS B 43 -29.56 22.50 24.01
C CYS B 43 -29.99 21.26 23.25
N ALA B 44 -29.77 20.08 23.81
CA ALA B 44 -30.04 18.81 23.12
C ALA B 44 -31.50 18.41 23.27
N ASP B 45 -32.38 19.21 22.66
CA ASP B 45 -33.80 18.88 22.74
C ASP B 45 -34.18 17.71 21.83
N ALA B 46 -33.51 17.58 20.69
CA ALA B 46 -33.81 16.52 19.75
C ALA B 46 -32.58 16.30 18.89
N THR B 47 -32.47 15.10 18.33
CA THR B 47 -31.40 14.82 17.39
C THR B 47 -31.85 15.12 15.97
N LEU B 48 -30.88 15.15 15.05
CA LEU B 48 -31.19 15.36 13.64
C LEU B 48 -32.09 14.24 13.12
N SER B 49 -31.84 13.01 13.58
CA SER B 49 -32.58 11.84 13.11
C SER B 49 -34.06 11.88 13.45
N GLN B 50 -34.47 12.75 14.36
CA GLN B 50 -35.88 12.87 14.72
C GLN B 50 -36.61 13.93 13.90
N ILE B 51 -35.88 14.67 13.06
CA ILE B 51 -36.45 15.71 12.23
C ILE B 51 -36.54 15.27 10.78
N THR B 52 -35.50 14.64 10.26
CA THR B 52 -35.40 14.25 8.85
C THR B 52 -36.10 12.93 8.55
N ASN B 53 -36.75 12.31 9.53
CA ASN B 53 -37.47 11.06 9.29
C ASN B 53 -38.71 11.27 8.44
N ASN B 54 -39.15 12.52 8.26
CA ASN B 54 -40.31 12.88 7.47
C ASN B 54 -39.92 13.36 6.08
N ILE B 55 -38.66 13.17 5.70
CA ILE B 55 -38.12 13.59 4.41
C ILE B 55 -37.87 12.34 3.58
N ASP B 56 -38.38 12.34 2.36
CA ASP B 56 -38.21 11.21 1.47
C ASP B 56 -36.72 10.93 1.23
N PRO B 57 -36.33 9.67 1.15
CA PRO B 57 -34.93 9.34 0.92
C PRO B 57 -34.50 9.69 -0.50
N VAL B 58 -33.19 9.89 -0.66
CA VAL B 58 -32.63 10.13 -1.98
C VAL B 58 -32.73 8.90 -2.87
N GLY B 59 -32.83 7.71 -2.30
CA GLY B 59 -32.94 6.50 -3.08
C GLY B 59 -31.57 5.97 -3.45
N ARG B 60 -31.54 5.07 -4.43
CA ARG B 60 -30.30 4.43 -4.81
C ARG B 60 -29.52 5.31 -5.78
N ILE B 61 -28.24 5.50 -5.49
CA ILE B 61 -27.34 6.30 -6.33
C ILE B 61 -26.36 5.35 -6.97
N GLN B 62 -26.34 5.34 -8.31
CA GLN B 62 -25.49 4.45 -9.08
C GLN B 62 -24.58 5.28 -9.97
N MET B 63 -23.40 5.62 -9.47
CA MET B 63 -22.49 6.41 -10.27
C MET B 63 -21.66 5.46 -11.12
N ARG B 64 -21.20 5.95 -12.25
CA ARG B 64 -20.34 5.15 -13.11
C ARG B 64 -19.10 5.94 -13.50
N THR B 65 -18.00 5.22 -13.63
CA THR B 65 -16.75 5.84 -14.02
C THR B 65 -16.86 6.30 -15.46
N ARG B 66 -16.48 7.54 -15.71
CA ARG B 66 -16.51 8.08 -17.06
C ARG B 66 -15.12 8.17 -17.66
N ARG B 67 -14.13 8.56 -16.86
CA ARG B 67 -12.78 8.73 -17.35
C ARG B 67 -11.80 8.16 -16.34
N THR B 68 -10.67 7.68 -16.84
CA THR B 68 -9.58 7.20 -16.01
C THR B 68 -8.33 7.93 -16.44
N LEU B 69 -7.56 8.43 -15.47
CA LEU B 69 -6.34 9.18 -15.76
C LEU B 69 -5.16 8.34 -15.34
N ARG B 70 -4.22 8.15 -16.27
CA ARG B 70 -3.06 7.30 -16.04
C ARG B 70 -1.78 8.09 -16.29
N GLY B 71 -0.73 7.73 -15.57
CA GLY B 71 0.55 8.38 -15.75
C GLY B 71 1.43 8.32 -14.52
N HIS B 72 0.82 8.37 -13.34
CA HIS B 72 1.59 8.25 -12.11
C HIS B 72 2.07 6.81 -11.96
N LEU B 73 3.23 6.64 -11.31
CA LEU B 73 3.74 5.30 -11.07
C LEU B 73 3.54 4.88 -9.63
N ALA B 74 3.69 5.82 -8.72
CA ALA B 74 3.63 5.60 -7.28
C ALA B 74 2.23 5.94 -6.79
N LYS B 75 1.92 5.51 -5.57
CA LYS B 75 0.65 5.79 -4.96
C LYS B 75 0.39 7.30 -4.95
N ILE B 76 -0.84 7.70 -5.27
CA ILE B 76 -1.24 9.10 -5.31
C ILE B 76 -1.74 9.51 -3.94
N TYR B 77 -1.12 10.55 -3.37
CA TYR B 77 -1.57 11.06 -2.07
C TYR B 77 -2.56 12.22 -2.13
N ALA B 78 -2.53 13.06 -3.15
CA ALA B 78 -3.41 14.22 -3.09
C ALA B 78 -3.93 14.58 -4.47
N MET B 79 -5.14 15.13 -4.47
CA MET B 79 -5.84 15.60 -5.65
C MET B 79 -6.64 16.84 -5.26
N HIS B 80 -6.71 17.83 -6.15
CA HIS B 80 -7.54 18.99 -5.86
C HIS B 80 -8.11 19.58 -7.14
N TRP B 81 -9.41 19.81 -7.16
CA TRP B 81 -10.09 20.44 -8.29
C TRP B 81 -9.87 21.94 -8.29
N GLY B 82 -9.69 22.51 -9.48
CA GLY B 82 -9.60 23.94 -9.62
C GLY B 82 -10.99 24.56 -9.64
N THR B 83 -11.01 25.89 -9.71
CA THR B 83 -12.28 26.60 -9.64
C THR B 83 -13.05 26.58 -10.96
N ASP B 84 -12.45 26.12 -12.05
CA ASP B 84 -13.14 26.05 -13.32
C ASP B 84 -13.80 24.70 -13.55
N SER B 85 -13.70 23.77 -12.59
CA SER B 85 -14.26 22.42 -12.69
C SER B 85 -13.75 21.67 -13.91
N ARG B 86 -12.62 22.09 -14.47
CA ARG B 86 -12.05 21.45 -15.66
C ARG B 86 -10.64 20.93 -15.48
N LEU B 87 -9.83 21.50 -14.58
CA LEU B 87 -8.47 21.02 -14.36
C LEU B 87 -8.32 20.36 -13.00
N LEU B 88 -7.43 19.36 -12.97
CA LEU B 88 -7.04 18.65 -11.77
C LEU B 88 -5.54 18.71 -11.56
N VAL B 89 -5.12 18.75 -10.30
CA VAL B 89 -3.72 18.59 -9.94
C VAL B 89 -3.64 17.34 -9.07
N SER B 90 -2.65 16.49 -9.34
CA SER B 90 -2.47 15.31 -8.52
C SER B 90 -0.98 15.11 -8.23
N ALA B 91 -0.69 14.46 -7.11
CA ALA B 91 0.68 14.27 -6.66
C ALA B 91 0.90 12.81 -6.26
N SER B 92 1.97 12.21 -6.80
CA SER B 92 2.23 10.83 -6.43
C SER B 92 3.49 10.77 -5.57
N GLN B 93 3.92 9.56 -5.23
CA GLN B 93 5.10 9.37 -4.41
C GLN B 93 6.37 9.29 -5.24
N ASP B 94 6.25 9.44 -6.56
CA ASP B 94 7.41 9.42 -7.43
C ASP B 94 8.21 10.71 -7.27
N GLY B 95 7.52 11.82 -7.05
CA GLY B 95 8.13 13.12 -7.01
C GLY B 95 7.60 13.93 -8.18
N LYS B 96 6.37 13.64 -8.57
CA LYS B 96 5.73 14.35 -9.67
C LYS B 96 4.34 14.83 -9.31
N LEU B 97 4.00 15.98 -9.89
CA LEU B 97 2.66 16.53 -9.92
C LEU B 97 2.23 16.48 -11.37
N ILE B 98 0.98 16.14 -11.62
CA ILE B 98 0.43 16.16 -12.97
C ILE B 98 -0.81 17.03 -12.99
N ILE B 99 -0.87 17.95 -13.96
CA ILE B 99 -2.06 18.75 -14.20
C ILE B 99 -2.81 18.04 -15.30
N TRP B 100 -4.11 17.81 -15.09
CA TRP B 100 -4.92 17.08 -16.04
C TRP B 100 -6.09 17.93 -16.51
N ASP B 101 -6.55 17.63 -17.71
CA ASP B 101 -7.74 18.23 -18.30
C ASP B 101 -8.79 17.14 -18.17
N SER B 102 -9.68 17.28 -17.19
CA SER B 102 -10.69 16.26 -16.94
C SER B 102 -11.58 16.00 -18.15
N TYR B 103 -11.85 17.02 -18.97
CA TYR B 103 -12.69 16.82 -20.14
C TYR B 103 -12.02 15.95 -21.20
N THR B 104 -10.81 16.30 -21.63
CA THR B 104 -10.13 15.56 -22.68
C THR B 104 -9.10 14.56 -22.17
N THR B 105 -8.97 14.41 -20.86
CA THR B 105 -8.07 13.43 -20.23
C THR B 105 -6.62 13.69 -20.57
N ASN B 106 -6.35 14.75 -21.33
CA ASN B 106 -5.00 15.09 -21.71
C ASN B 106 -4.26 15.73 -20.55
N LYS B 107 -2.94 15.58 -20.55
CA LYS B 107 -2.13 16.21 -19.52
C LYS B 107 -1.76 17.61 -19.97
N VAL B 108 -1.56 18.51 -19.00
CA VAL B 108 -1.13 19.87 -19.26
C VAL B 108 0.29 20.09 -18.78
N HIS B 109 0.60 19.66 -17.56
CA HIS B 109 1.92 19.81 -17.00
C HIS B 109 2.30 18.53 -16.25
N ALA B 110 3.61 18.38 -16.04
CA ALA B 110 4.19 17.27 -15.29
C ALA B 110 5.39 17.90 -14.59
N ILE B 111 5.19 18.28 -13.34
CA ILE B 111 6.17 19.03 -12.56
C ILE B 111 7.00 18.08 -11.72
N PRO B 112 8.32 18.03 -11.92
CA PRO B 112 9.18 17.21 -11.06
C PRO B 112 9.31 17.90 -9.70
N LEU B 113 9.39 17.11 -8.65
CA LEU B 113 9.57 17.69 -7.32
C LEU B 113 10.97 17.45 -6.77
N ARG B 114 11.40 18.35 -5.88
CA ARG B 114 12.71 18.23 -5.24
C ARG B 114 12.84 16.91 -4.48
N SER B 115 11.74 16.45 -3.88
CA SER B 115 11.76 15.19 -3.14
C SER B 115 10.48 14.46 -3.47
N SER B 116 10.53 13.13 -3.37
CA SER B 116 9.38 12.32 -3.71
C SER B 116 8.35 12.17 -2.60
N TRP B 117 8.67 12.49 -1.35
CA TRP B 117 7.72 12.21 -0.27
C TRP B 117 6.74 13.38 -0.08
N VAL B 118 5.83 13.49 -1.05
CA VAL B 118 4.82 14.54 -1.08
C VAL B 118 3.52 13.96 -0.52
N MET B 119 2.89 14.67 0.41
CA MET B 119 1.69 14.20 1.07
C MET B 119 0.46 15.03 0.77
N THR B 120 0.61 16.27 0.34
CA THR B 120 -0.52 17.14 0.06
C THR B 120 -0.22 18.04 -1.14
N CYS B 121 -1.29 18.52 -1.77
CA CYS B 121 -1.18 19.49 -2.85
C CYS B 121 -2.45 20.31 -2.86
N ALA B 122 -2.38 21.47 -3.53
CA ALA B 122 -3.55 22.32 -3.66
C ALA B 122 -3.43 23.15 -4.92
N TYR B 123 -4.57 23.43 -5.52
CA TYR B 123 -4.67 24.24 -6.73
C TYR B 123 -5.19 25.62 -6.32
N ALA B 124 -4.46 26.67 -6.71
CA ALA B 124 -4.89 28.02 -6.36
C ALA B 124 -6.23 28.35 -7.00
N PRO B 125 -7.07 29.15 -6.33
CA PRO B 125 -8.37 29.50 -6.92
C PRO B 125 -8.25 30.30 -8.21
N SER B 126 -7.11 30.95 -8.42
CA SER B 126 -6.87 31.74 -9.62
C SER B 126 -6.31 30.90 -10.76
N GLY B 127 -5.81 29.71 -10.46
CA GLY B 127 -5.17 28.87 -11.46
C GLY B 127 -3.75 29.25 -11.76
N ASN B 128 -3.18 30.21 -11.02
CA ASN B 128 -1.83 30.69 -11.26
C ASN B 128 -0.76 29.88 -10.55
N TYR B 129 -1.08 29.28 -9.41
CA TYR B 129 -0.08 28.60 -8.59
C TYR B 129 -0.55 27.23 -8.14
N VAL B 130 0.43 26.35 -7.91
CA VAL B 130 0.23 25.03 -7.34
C VAL B 130 1.13 24.88 -6.12
N ALA B 131 0.58 24.42 -5.00
CA ALA B 131 1.37 24.23 -3.80
C ALA B 131 1.42 22.74 -3.47
N CYS B 132 2.55 22.31 -2.90
CA CYS B 132 2.64 20.93 -2.42
C CYS B 132 3.79 20.79 -1.42
N GLY B 133 3.81 19.66 -0.73
CA GLY B 133 4.91 19.35 0.16
C GLY B 133 4.59 18.10 0.96
N GLY B 134 5.50 17.78 1.88
CA GLY B 134 5.30 16.60 2.70
C GLY B 134 6.35 16.37 3.78
N LEU B 135 7.19 15.34 3.62
CA LEU B 135 8.12 14.99 4.68
C LEU B 135 9.31 15.93 4.76
N ASP B 136 9.50 16.80 3.79
CA ASP B 136 10.62 17.73 3.80
C ASP B 136 10.35 18.95 4.67
N ASN B 137 9.13 19.07 5.18
CA ASN B 137 8.64 20.16 6.02
C ASN B 137 8.70 21.50 5.28
N ILE B 138 8.64 21.47 3.95
CA ILE B 138 8.70 22.67 3.13
C ILE B 138 7.49 22.68 2.22
N CYS B 139 6.80 23.81 2.15
CA CYS B 139 5.68 23.99 1.23
C CYS B 139 6.21 24.70 -0.01
N SER B 140 6.21 24.02 -1.14
CA SER B 140 6.74 24.56 -2.38
C SER B 140 5.58 25.09 -3.22
N ILE B 141 5.71 26.34 -3.67
CA ILE B 141 4.70 26.99 -4.49
C ILE B 141 5.30 27.22 -5.87
N TYR B 142 4.65 26.63 -6.88
CA TYR B 142 5.00 26.66 -8.28
C TYR B 142 4.12 27.65 -9.01
N ASN B 143 4.73 28.45 -9.89
CA ASN B 143 3.98 29.38 -10.73
C ASN B 143 3.70 28.71 -12.07
N LEU B 144 2.42 28.43 -12.35
CA LEU B 144 2.08 27.73 -13.58
C LEU B 144 2.04 28.63 -14.80
N LYS B 145 1.95 29.94 -14.61
CA LYS B 145 1.80 30.90 -15.70
C LYS B 145 3.00 31.86 -15.71
N THR B 146 3.99 31.54 -16.53
CA THR B 146 5.24 32.28 -16.61
C THR B 146 5.43 32.73 -18.06
N ARG B 147 6.26 33.76 -18.24
CA ARG B 147 6.49 34.26 -19.59
C ARG B 147 7.27 33.27 -20.45
N GLU B 148 8.12 32.45 -19.84
CA GLU B 148 8.86 31.46 -20.62
C GLU B 148 8.02 30.25 -20.98
N GLY B 149 6.89 30.06 -20.29
CA GLY B 149 6.05 28.89 -20.44
C GLY B 149 6.49 27.70 -19.62
N ASN B 150 7.60 27.84 -18.90
CA ASN B 150 8.16 26.78 -18.07
C ASN B 150 7.68 26.91 -16.64
N VAL B 151 7.38 25.80 -16.01
CA VAL B 151 6.92 25.81 -14.62
C VAL B 151 8.15 25.89 -13.73
N ARG B 152 8.14 26.85 -12.81
CA ARG B 152 9.25 27.15 -11.92
C ARG B 152 8.76 27.24 -10.49
N VAL B 153 9.65 26.99 -9.54
CA VAL B 153 9.29 27.15 -8.14
C VAL B 153 9.36 28.63 -7.82
N SER B 154 8.27 29.18 -7.30
CA SER B 154 8.31 30.58 -6.94
C SER B 154 8.66 30.79 -5.48
N ARG B 155 8.22 29.88 -4.60
CA ARG B 155 8.49 30.03 -3.18
C ARG B 155 8.70 28.69 -2.50
N GLU B 156 9.57 28.68 -1.49
CA GLU B 156 9.70 27.55 -0.58
C GLU B 156 9.47 28.08 0.83
N LEU B 157 8.40 27.61 1.46
CA LEU B 157 8.00 28.05 2.79
C LEU B 157 8.48 27.05 3.82
N ALA B 158 9.27 27.52 4.79
CA ALA B 158 9.82 26.64 5.80
C ALA B 158 9.77 27.32 7.16
N GLY B 159 9.52 26.52 8.19
CA GLY B 159 9.38 26.96 9.56
C GLY B 159 8.84 25.79 10.36
N HIS B 160 7.94 25.06 9.71
CA HIS B 160 7.36 23.85 10.27
C HIS B 160 8.43 22.81 10.54
N THR B 161 8.37 22.18 11.71
CA THR B 161 9.37 21.18 12.07
C THR B 161 8.92 19.77 11.77
N GLY B 162 7.63 19.52 11.64
CA GLY B 162 7.12 18.20 11.36
C GLY B 162 6.71 18.12 9.90
N TYR B 163 6.21 16.95 9.50
CA TYR B 163 5.82 16.76 8.11
C TYR B 163 4.63 17.66 7.79
N LEU B 164 4.53 18.07 6.53
CA LEU B 164 3.44 18.93 6.09
C LEU B 164 2.28 18.03 5.63
N SER B 165 1.13 18.17 6.29
CA SER B 165 0.00 17.29 6.02
C SER B 165 -1.08 17.88 5.13
N CYS B 166 -1.20 19.21 5.05
CA CYS B 166 -2.28 19.79 4.27
C CYS B 166 -1.96 21.24 3.93
N CYS B 167 -2.33 21.65 2.73
CA CYS B 167 -2.19 23.03 2.29
C CYS B 167 -3.49 23.50 1.63
N ARG B 168 -3.89 24.74 1.93
CA ARG B 168 -5.06 25.33 1.33
C ARG B 168 -4.74 26.75 0.92
N PHE B 169 -5.37 27.22 -0.15
CA PHE B 169 -5.12 28.56 -0.67
C PHE B 169 -6.27 29.51 -0.35
N LEU B 170 -5.94 30.63 0.29
CA LEU B 170 -6.94 31.64 0.59
C LEU B 170 -7.04 32.62 -0.57
N ASP B 171 -5.88 33.05 -1.05
CA ASP B 171 -5.73 33.99 -2.14
C ASP B 171 -4.35 33.75 -2.73
N ASP B 172 -4.02 34.50 -3.77
CA ASP B 172 -2.70 34.35 -4.39
C ASP B 172 -1.56 34.70 -3.44
N ASN B 173 -1.78 35.62 -2.50
CA ASN B 173 -0.74 36.00 -1.55
C ASN B 173 -0.88 35.38 -0.15
N GLN B 174 -1.79 34.43 0.06
CA GLN B 174 -1.96 33.85 1.38
C GLN B 174 -2.22 32.36 1.28
N ILE B 175 -1.50 31.57 2.07
CA ILE B 175 -1.70 30.12 2.06
C ILE B 175 -1.79 29.61 3.50
N VAL B 176 -2.67 28.65 3.73
CA VAL B 176 -2.84 28.02 5.03
C VAL B 176 -2.30 26.60 4.96
N THR B 177 -1.41 26.27 5.89
CA THR B 177 -0.78 24.96 5.94
C THR B 177 -0.98 24.34 7.31
N SER B 178 -0.74 23.03 7.38
CA SER B 178 -0.75 22.32 8.65
C SER B 178 0.37 21.29 8.62
N SER B 179 0.89 20.97 9.79
CA SER B 179 2.01 20.05 9.87
C SER B 179 1.87 19.11 11.07
N GLY B 180 2.75 18.10 11.07
CA GLY B 180 2.82 17.07 12.09
C GLY B 180 3.40 17.50 13.42
N ASP B 181 3.65 18.80 13.59
CA ASP B 181 4.15 19.34 14.84
C ASP B 181 3.04 19.95 15.68
N THR B 182 1.78 19.62 15.35
CA THR B 182 0.58 20.06 16.04
C THR B 182 0.30 21.55 15.89
N THR B 183 0.85 22.20 14.88
CA THR B 183 0.63 23.63 14.68
C THR B 183 0.23 23.90 13.24
N CYS B 184 -0.77 24.75 13.06
CA CYS B 184 -1.22 25.21 11.75
C CYS B 184 -0.62 26.59 11.53
N ALA B 185 -0.51 27.00 10.26
CA ALA B 185 0.05 28.32 10.06
C ALA B 185 -0.52 29.00 8.82
N LEU B 186 -0.57 30.33 8.89
CA LEU B 186 -0.93 31.19 7.78
C LEU B 186 0.36 31.84 7.30
N TRP B 187 0.68 31.65 6.02
CA TRP B 187 1.89 32.17 5.39
C TRP B 187 1.56 33.27 4.39
N ASP B 188 2.45 34.27 4.35
CA ASP B 188 2.46 35.33 3.35
C ASP B 188 3.38 34.88 2.22
N ILE B 189 2.79 34.49 1.08
CA ILE B 189 3.55 33.84 0.03
C ILE B 189 4.62 34.76 -0.57
N GLU B 190 4.28 36.03 -0.83
CA GLU B 190 5.22 36.91 -1.49
C GLU B 190 6.45 37.21 -0.63
N THR B 191 6.28 37.40 0.67
CA THR B 191 7.42 37.70 1.52
C THR B 191 8.13 36.45 2.00
N GLY B 192 7.44 35.31 1.99
CA GLY B 192 8.00 34.03 2.39
C GLY B 192 8.05 33.81 3.87
N GLN B 193 7.46 34.71 4.66
CA GLN B 193 7.48 34.64 6.11
C GLN B 193 6.18 34.06 6.63
N GLN B 194 6.26 33.42 7.79
CA GLN B 194 5.06 32.94 8.46
C GLN B 194 4.45 34.11 9.20
N THR B 195 3.13 34.30 9.07
CA THR B 195 2.48 35.41 9.75
C THR B 195 1.59 34.98 10.91
N THR B 196 0.96 33.81 10.86
CA THR B 196 0.11 33.41 11.97
C THR B 196 0.36 31.96 12.34
N THR B 197 0.50 31.68 13.63
CA THR B 197 0.63 30.31 14.12
C THR B 197 -0.58 29.95 14.94
N PHE B 198 -1.17 28.79 14.65
CA PHE B 198 -2.37 28.28 15.33
C PHE B 198 -1.99 27.06 16.16
N THR B 199 -1.96 27.20 17.48
CA THR B 199 -1.50 26.15 18.36
C THR B 199 -2.64 25.67 19.25
N GLY B 200 -2.42 24.55 19.92
CA GLY B 200 -3.40 23.98 20.83
C GLY B 200 -3.68 22.51 20.61
N HIS B 201 -3.31 21.97 19.45
CA HIS B 201 -3.46 20.55 19.21
C HIS B 201 -2.31 19.81 19.89
N THR B 202 -2.55 18.56 20.27
CA THR B 202 -1.48 17.79 20.86
C THR B 202 -0.99 16.67 19.95
N GLY B 203 -1.80 16.26 18.96
CA GLY B 203 -1.42 15.25 18.01
C GLY B 203 -1.13 15.92 16.66
N ASP B 204 -0.77 15.09 15.70
CA ASP B 204 -0.50 15.60 14.36
C ASP B 204 -1.78 16.22 13.79
N VAL B 205 -1.64 17.28 13.03
CA VAL B 205 -2.79 17.85 12.33
C VAL B 205 -2.92 17.14 10.99
N MET B 206 -4.09 16.57 10.72
CA MET B 206 -4.26 15.77 9.52
C MET B 206 -4.93 16.49 8.34
N SER B 207 -5.90 17.37 8.58
CA SER B 207 -6.59 17.96 7.45
C SER B 207 -7.21 19.31 7.82
N LEU B 208 -7.15 20.23 6.86
CA LEU B 208 -7.70 21.57 6.95
C LEU B 208 -8.88 21.72 6.00
N SER B 209 -9.81 22.58 6.36
CA SER B 209 -10.92 22.95 5.48
C SER B 209 -11.24 24.42 5.69
N LEU B 210 -11.44 25.15 4.58
CA LEU B 210 -11.72 26.57 4.64
C LEU B 210 -13.21 26.84 4.49
N ALA B 211 -13.67 27.88 5.18
CA ALA B 211 -15.05 28.31 5.07
C ALA B 211 -15.33 28.88 3.68
N PRO B 212 -16.57 28.78 3.20
CA PRO B 212 -16.92 29.41 1.92
C PRO B 212 -16.51 30.87 1.82
N ASP B 213 -16.50 31.61 2.93
CA ASP B 213 -16.13 33.02 2.93
C ASP B 213 -14.67 33.22 3.35
N THR B 214 -13.92 32.13 3.48
CA THR B 214 -12.53 32.10 3.94
C THR B 214 -12.24 33.10 5.06
N ARG B 215 -13.13 33.15 6.06
CA ARG B 215 -12.81 33.86 7.29
C ARG B 215 -12.48 32.92 8.43
N LEU B 216 -13.01 31.71 8.38
CA LEU B 216 -12.82 30.69 9.41
C LEU B 216 -12.28 29.44 8.74
N PHE B 217 -11.57 28.61 9.51
CA PHE B 217 -11.19 27.30 8.98
C PHE B 217 -11.25 26.31 10.12
N VAL B 218 -11.31 25.03 9.80
CA VAL B 218 -11.36 23.99 10.81
C VAL B 218 -10.18 23.05 10.59
N SER B 219 -9.58 22.60 11.70
CA SER B 219 -8.44 21.71 11.70
C SER B 219 -8.70 20.44 12.51
N GLY B 220 -8.56 19.29 11.86
CA GLY B 220 -8.74 18.00 12.51
C GLY B 220 -7.38 17.46 12.91
N ALA B 221 -7.31 16.70 14.00
CA ALA B 221 -6.01 16.23 14.43
C ALA B 221 -6.07 14.85 15.05
N CYS B 222 -4.87 14.26 15.23
CA CYS B 222 -4.72 12.94 15.84
C CYS B 222 -4.84 13.06 17.37
N ASP B 223 -5.96 13.65 17.76
CA ASP B 223 -6.36 13.84 19.14
C ASP B 223 -7.82 13.45 19.30
N ALA B 224 -8.46 13.01 18.21
CA ALA B 224 -9.89 12.73 18.19
C ALA B 224 -10.66 14.03 18.46
N SER B 225 -10.19 15.11 17.84
CA SER B 225 -10.81 16.41 17.99
C SER B 225 -10.53 17.27 16.76
N ALA B 226 -11.28 18.36 16.69
CA ALA B 226 -11.17 19.34 15.61
C ALA B 226 -11.37 20.71 16.23
N LYS B 227 -10.74 21.72 15.64
CA LYS B 227 -10.85 23.07 16.15
C LYS B 227 -11.31 24.04 15.08
N LEU B 228 -12.17 24.97 15.47
CA LEU B 228 -12.66 26.03 14.59
C LEU B 228 -11.81 27.24 14.91
N TRP B 229 -11.01 27.66 13.92
CA TRP B 229 -10.02 28.72 14.00
C TRP B 229 -10.52 29.97 13.29
N ASP B 230 -10.22 31.13 13.87
CA ASP B 230 -10.50 32.44 13.25
C ASP B 230 -9.27 32.83 12.44
N VAL B 231 -9.42 32.88 11.11
CA VAL B 231 -8.29 33.12 10.21
C VAL B 231 -7.65 34.48 10.50
N ARG B 232 -8.46 35.49 10.80
CA ARG B 232 -7.96 36.85 10.94
C ARG B 232 -7.40 37.14 12.33
N GLU B 233 -7.96 36.55 13.38
CA GLU B 233 -7.51 36.85 14.73
C GLU B 233 -6.36 35.98 15.22
N GLY B 234 -6.27 34.73 14.75
CA GLY B 234 -5.27 33.83 15.27
C GLY B 234 -5.74 33.08 16.49
N MET B 235 -7.00 33.26 16.86
CA MET B 235 -7.66 32.68 18.01
C MET B 235 -8.40 31.41 17.62
N CYS B 236 -8.41 30.43 18.51
CA CYS B 236 -9.21 29.23 18.32
C CYS B 236 -10.55 29.52 18.94
N ARG B 237 -11.61 29.44 18.13
CA ARG B 237 -12.94 29.79 18.60
C ARG B 237 -13.68 28.62 19.21
N GLN B 238 -13.58 27.43 18.61
CA GLN B 238 -14.32 26.30 19.17
C GLN B 238 -13.50 25.02 19.11
N THR B 239 -13.72 24.13 20.07
CA THR B 239 -13.12 22.81 20.03
C THR B 239 -14.23 21.77 20.05
N PHE B 240 -14.18 20.85 19.09
CA PHE B 240 -15.16 19.79 18.93
C PHE B 240 -14.51 18.45 19.23
N THR B 241 -15.23 17.61 19.96
CA THR B 241 -14.78 16.27 20.31
C THR B 241 -15.90 15.29 19.97
N GLY B 242 -15.56 14.01 19.97
CA GLY B 242 -16.55 12.98 19.70
C GLY B 242 -15.99 11.72 19.09
N HIS B 243 -14.94 11.85 18.28
CA HIS B 243 -14.34 10.66 17.68
C HIS B 243 -13.54 9.90 18.73
N GLU B 244 -13.41 8.59 18.51
CA GLU B 244 -12.65 7.76 19.42
C GLU B 244 -11.17 7.61 19.06
N SER B 245 -10.78 7.87 17.82
CA SER B 245 -9.37 7.76 17.45
C SER B 245 -8.94 8.96 16.61
N ASP B 246 -7.85 8.79 15.87
CA ASP B 246 -7.30 9.85 15.04
C ASP B 246 -8.25 10.26 13.92
N ILE B 247 -8.33 11.57 13.67
CA ILE B 247 -9.16 12.12 12.62
C ILE B 247 -8.31 12.26 11.36
N ASN B 248 -8.80 11.71 10.24
CA ASN B 248 -8.04 11.71 8.99
C ASN B 248 -8.55 12.67 7.94
N ALA B 249 -9.84 12.98 7.93
CA ALA B 249 -10.39 13.88 6.92
C ALA B 249 -11.44 14.80 7.53
N ILE B 250 -11.51 16.01 6.98
CA ILE B 250 -12.46 17.02 7.43
C ILE B 250 -12.93 17.80 6.21
N CYS B 251 -14.19 18.25 6.23
CA CYS B 251 -14.75 18.94 5.08
C CYS B 251 -15.92 19.81 5.51
N PHE B 252 -15.87 21.10 5.13
CA PHE B 252 -16.91 22.04 5.47
C PHE B 252 -18.18 21.81 4.66
N PHE B 253 -19.32 22.06 5.30
CA PHE B 253 -20.60 21.93 4.65
C PHE B 253 -20.76 23.09 3.65
N PRO B 254 -21.56 22.91 2.60
CA PRO B 254 -21.70 24.01 1.62
C PRO B 254 -22.23 25.29 2.23
N ASN B 255 -23.19 25.19 3.16
CA ASN B 255 -23.72 26.37 3.83
C ASN B 255 -22.64 27.10 4.61
N GLY B 256 -21.79 26.36 5.34
CA GLY B 256 -20.74 26.94 6.13
C GLY B 256 -20.98 26.92 7.62
N ASN B 257 -22.07 26.30 8.08
CA ASN B 257 -22.41 26.21 9.50
C ASN B 257 -22.25 24.80 10.05
N ALA B 258 -21.52 23.94 9.36
CA ALA B 258 -21.32 22.57 9.82
C ALA B 258 -20.15 21.97 9.06
N PHE B 259 -19.56 20.93 9.64
CA PHE B 259 -18.48 20.21 8.96
C PHE B 259 -18.57 18.73 9.26
N ALA B 260 -18.04 17.91 8.36
CA ALA B 260 -18.03 16.47 8.51
C ALA B 260 -16.59 16.00 8.68
N THR B 261 -16.39 15.05 9.59
CA THR B 261 -15.08 14.50 9.88
C THR B 261 -15.10 12.98 9.77
N GLY B 262 -13.96 12.41 9.46
CA GLY B 262 -13.80 10.97 9.41
C GLY B 262 -12.60 10.59 10.25
N SER B 263 -12.66 9.41 10.86
CA SER B 263 -11.58 8.99 11.74
C SER B 263 -11.24 7.52 11.52
N ASP B 264 -10.25 7.05 12.29
CA ASP B 264 -9.80 5.66 12.23
C ASP B 264 -10.73 4.69 12.94
N ASP B 265 -11.76 5.18 13.61
CA ASP B 265 -12.71 4.33 14.31
C ASP B 265 -13.83 3.84 13.40
N ALA B 266 -13.70 4.12 12.10
CA ALA B 266 -14.63 3.72 11.04
C ALA B 266 -15.97 4.45 11.13
N THR B 267 -16.00 5.56 11.86
CA THR B 267 -17.18 6.39 11.95
C THR B 267 -16.93 7.74 11.28
N CYS B 268 -17.97 8.30 10.68
CA CYS B 268 -17.96 9.66 10.17
C CYS B 268 -18.93 10.48 11.00
N ARG B 269 -18.58 11.70 11.35
CA ARG B 269 -19.50 12.49 12.17
C ARG B 269 -19.71 13.88 11.60
N LEU B 270 -20.95 14.35 11.71
CA LEU B 270 -21.31 15.70 11.30
C LEU B 270 -21.42 16.54 12.57
N PHE B 271 -20.73 17.69 12.56
CA PHE B 271 -20.71 18.63 13.67
C PHE B 271 -21.33 19.95 13.22
N ASP B 272 -22.00 20.61 14.16
CA ASP B 272 -22.61 21.91 13.95
C ASP B 272 -21.83 23.02 14.66
N LEU B 273 -21.30 23.97 13.87
CA LEU B 273 -20.50 25.05 14.43
C LEU B 273 -21.30 26.04 15.26
N ARG B 274 -22.62 26.09 15.12
CA ARG B 274 -23.39 27.03 15.91
C ARG B 274 -23.86 26.48 17.24
N ALA B 275 -24.02 25.16 17.35
CA ALA B 275 -24.42 24.56 18.62
C ALA B 275 -23.26 23.91 19.36
N ASP B 276 -22.06 23.94 18.79
CA ASP B 276 -20.86 23.36 19.42
C ASP B 276 -21.12 21.94 19.92
N GLN B 277 -21.82 21.15 19.12
CA GLN B 277 -22.20 19.79 19.46
C GLN B 277 -22.10 18.88 18.26
N GLU B 278 -21.92 17.59 18.53
CA GLU B 278 -22.04 16.59 17.48
C GLU B 278 -23.49 16.49 17.06
N LEU B 279 -23.72 16.47 15.74
CA LEU B 279 -25.08 16.41 15.22
C LEU B 279 -25.47 15.06 14.65
N MET B 280 -24.57 14.36 13.93
CA MET B 280 -24.98 13.07 13.36
C MET B 280 -23.81 12.10 13.23
N THR B 281 -24.08 10.82 13.43
CA THR B 281 -23.09 9.76 13.28
C THR B 281 -23.42 8.85 12.09
N TYR B 282 -22.43 8.63 11.22
CA TYR B 282 -22.53 7.80 10.03
C TYR B 282 -21.65 6.57 10.25
N SER B 283 -22.27 5.40 10.39
CA SER B 283 -21.51 4.18 10.67
C SER B 283 -22.28 2.98 10.15
N HIS B 284 -21.60 1.84 10.11
CA HIS B 284 -22.20 0.59 9.68
C HIS B 284 -21.47 -0.57 10.34
N ASP B 285 -22.22 -1.63 10.66
CA ASP B 285 -21.65 -2.79 11.34
C ASP B 285 -20.54 -3.45 10.54
N ASN B 286 -20.59 -3.37 9.21
CA ASN B 286 -19.60 -4.03 8.37
C ASN B 286 -18.41 -3.15 8.00
N ILE B 287 -18.32 -1.94 8.55
CA ILE B 287 -17.21 -1.04 8.27
C ILE B 287 -16.33 -0.95 9.50
N ILE B 288 -15.11 -1.46 9.40
CA ILE B 288 -14.14 -1.44 10.49
C ILE B 288 -12.84 -0.78 10.06
N CYS B 289 -12.85 -0.09 8.92
CA CYS B 289 -11.73 0.61 8.32
C CYS B 289 -11.88 2.11 8.50
N GLY B 290 -10.76 2.83 8.49
CA GLY B 290 -10.84 4.27 8.67
C GLY B 290 -11.31 4.96 7.40
N ILE B 291 -11.54 6.27 7.53
CA ILE B 291 -12.06 7.09 6.44
C ILE B 291 -10.95 8.01 5.97
N THR B 292 -10.35 7.68 4.83
CA THR B 292 -9.27 8.48 4.28
C THR B 292 -9.72 9.88 3.85
N SER B 293 -10.90 10.02 3.26
CA SER B 293 -11.33 11.33 2.78
C SER B 293 -12.83 11.51 2.91
N VAL B 294 -13.24 12.77 3.08
CA VAL B 294 -14.64 13.18 3.23
C VAL B 294 -14.92 14.36 2.31
N SER B 295 -16.06 14.34 1.61
CA SER B 295 -16.47 15.48 0.80
C SER B 295 -17.99 15.54 0.68
N PHE B 296 -18.50 16.76 0.49
CA PHE B 296 -19.92 17.04 0.29
C PHE B 296 -20.24 17.41 -1.15
N SER B 297 -21.45 17.09 -1.57
CA SER B 297 -21.98 17.49 -2.86
C SER B 297 -22.42 18.96 -2.80
N LYS B 298 -22.69 19.54 -3.97
CA LYS B 298 -23.08 20.95 -4.05
C LYS B 298 -24.24 21.31 -3.13
N SER B 299 -25.28 20.48 -3.08
CA SER B 299 -26.42 20.78 -2.23
C SER B 299 -26.19 20.42 -0.77
N GLY B 300 -25.14 19.68 -0.45
CA GLY B 300 -24.90 19.23 0.89
C GLY B 300 -25.72 18.03 1.30
N ARG B 301 -26.53 17.48 0.39
CA ARG B 301 -27.39 16.35 0.72
C ARG B 301 -26.62 15.04 0.74
N LEU B 302 -25.59 14.90 -0.09
CA LEU B 302 -24.79 13.69 -0.14
C LEU B 302 -23.43 13.91 0.48
N LEU B 303 -23.00 12.93 1.26
CA LEU B 303 -21.70 12.91 1.89
C LEU B 303 -20.92 11.73 1.32
N LEU B 304 -19.73 11.98 0.81
CA LEU B 304 -18.95 10.90 0.21
C LEU B 304 -17.72 10.67 1.04
N ALA B 305 -17.38 9.40 1.27
CA ALA B 305 -16.17 9.08 2.01
C ALA B 305 -15.43 7.89 1.42
N GLY B 306 -14.10 7.99 1.38
CA GLY B 306 -13.26 6.91 0.88
C GLY B 306 -12.82 6.08 2.07
N TYR B 307 -12.73 4.77 1.86
CA TYR B 307 -12.33 3.87 2.93
C TYR B 307 -11.06 3.11 2.59
N ASP B 308 -10.70 2.20 3.49
CA ASP B 308 -9.52 1.34 3.34
C ASP B 308 -9.87 0.00 2.72
N ASP B 309 -11.12 -0.17 2.29
CA ASP B 309 -11.62 -1.37 1.64
C ASP B 309 -11.58 -1.22 0.14
N PHE B 310 -10.87 -0.20 -0.33
CA PHE B 310 -10.70 0.11 -1.75
C PHE B 310 -12.02 0.50 -2.38
N ASN B 311 -12.80 1.33 -1.68
CA ASN B 311 -14.09 1.77 -2.19
C ASN B 311 -14.45 3.11 -1.55
N CYS B 312 -15.61 3.61 -1.95
CA CYS B 312 -16.16 4.85 -1.41
C CYS B 312 -17.65 4.72 -1.17
N ASN B 313 -18.11 5.14 0.00
CA ASN B 313 -19.54 5.08 0.29
C ASN B 313 -20.15 6.47 0.21
N VAL B 314 -21.32 6.54 -0.40
CA VAL B 314 -22.11 7.76 -0.50
C VAL B 314 -23.26 7.61 0.49
N TRP B 315 -23.28 8.52 1.47
CA TRP B 315 -24.20 8.58 2.59
C TRP B 315 -25.20 9.71 2.40
N ASP B 316 -26.41 9.50 2.88
CA ASP B 316 -27.42 10.55 2.87
C ASP B 316 -27.14 11.43 4.09
N ALA B 317 -26.64 12.64 3.85
CA ALA B 317 -26.16 13.48 4.93
C ALA B 317 -27.23 13.87 5.94
N LEU B 318 -28.50 13.79 5.56
CA LEU B 318 -29.58 14.15 6.48
C LEU B 318 -30.23 12.96 7.15
N LYS B 319 -29.89 11.73 6.75
CA LYS B 319 -30.54 10.54 7.25
C LYS B 319 -29.57 9.54 7.86
N ALA B 320 -28.29 9.58 7.48
CA ALA B 320 -27.27 8.60 7.86
C ALA B 320 -27.55 7.23 7.28
N ASP B 321 -28.25 7.18 6.15
CA ASP B 321 -28.44 5.96 5.40
C ASP B 321 -27.37 5.92 4.31
N ARG B 322 -27.03 4.72 3.86
CA ARG B 322 -26.11 4.64 2.73
C ARG B 322 -26.89 4.80 1.44
N ALA B 323 -26.42 5.70 0.58
CA ALA B 323 -27.06 5.97 -0.69
C ALA B 323 -26.50 5.11 -1.80
N GLY B 324 -25.22 4.77 -1.75
CA GLY B 324 -24.62 4.01 -2.83
C GLY B 324 -23.13 3.87 -2.62
N VAL B 325 -22.49 3.16 -3.56
CA VAL B 325 -21.04 2.98 -3.45
C VAL B 325 -20.36 3.30 -4.77
N LEU B 326 -19.05 3.51 -4.66
CA LEU B 326 -18.13 3.76 -5.77
C LEU B 326 -17.02 2.72 -5.64
N ALA B 327 -17.08 1.67 -6.45
CA ALA B 327 -16.10 0.60 -6.41
C ALA B 327 -15.36 0.57 -7.74
N GLY B 328 -14.03 0.51 -7.67
CA GLY B 328 -13.21 0.47 -8.86
C GLY B 328 -11.75 0.67 -8.60
N HIS B 329 -11.33 0.37 -7.38
CA HIS B 329 -9.96 0.53 -6.92
C HIS B 329 -9.49 -0.79 -6.34
N ASP B 330 -8.19 -1.06 -6.46
CA ASP B 330 -7.62 -2.29 -5.92
C ASP B 330 -6.64 -2.05 -4.80
N ASN B 331 -6.48 -0.80 -4.34
CA ASN B 331 -5.60 -0.46 -3.24
C ASN B 331 -6.26 0.65 -2.46
N ARG B 332 -5.60 1.09 -1.39
CA ARG B 332 -6.19 2.07 -0.49
C ARG B 332 -6.62 3.32 -1.24
N VAL B 333 -7.83 3.80 -0.97
CA VAL B 333 -8.23 5.06 -1.58
C VAL B 333 -7.53 6.15 -0.78
N SER B 334 -6.88 7.07 -1.48
CA SER B 334 -6.13 8.10 -0.79
C SER B 334 -6.77 9.48 -0.81
N CYS B 335 -7.58 9.80 -1.81
CA CYS B 335 -8.15 11.13 -1.85
C CYS B 335 -9.46 11.11 -2.60
N LEU B 336 -10.28 12.12 -2.31
CA LEU B 336 -11.58 12.28 -2.93
C LEU B 336 -11.92 13.76 -3.00
N GLY B 337 -12.55 14.18 -4.10
CA GLY B 337 -13.00 15.55 -4.20
C GLY B 337 -14.12 15.69 -5.19
N VAL B 338 -14.81 16.83 -5.10
CA VAL B 338 -16.00 17.12 -5.90
C VAL B 338 -15.77 18.45 -6.60
N THR B 339 -16.27 18.58 -7.82
CA THR B 339 -16.10 19.83 -8.55
C THR B 339 -16.94 20.92 -7.93
N ASP B 340 -16.48 22.17 -8.08
CA ASP B 340 -17.22 23.31 -7.52
C ASP B 340 -18.64 23.36 -8.05
N ASP B 341 -18.82 23.20 -9.37
CA ASP B 341 -20.18 23.20 -9.91
C ASP B 341 -20.98 21.99 -9.43
N GLY B 342 -20.34 20.83 -9.35
CA GLY B 342 -21.00 19.63 -8.88
C GLY B 342 -21.19 18.57 -9.94
N MET B 343 -20.62 18.75 -11.13
CA MET B 343 -20.81 17.80 -12.23
C MET B 343 -20.08 16.48 -12.02
N ALA B 344 -19.00 16.44 -11.25
CA ALA B 344 -18.31 15.17 -11.13
C ALA B 344 -17.55 15.04 -9.82
N VAL B 345 -17.34 13.79 -9.44
CA VAL B 345 -16.57 13.38 -8.27
C VAL B 345 -15.32 12.67 -8.77
N ALA B 346 -14.16 13.05 -8.25
CA ALA B 346 -12.93 12.38 -8.64
C ALA B 346 -12.32 11.76 -7.40
N THR B 347 -11.68 10.61 -7.59
CA THR B 347 -10.96 9.96 -6.52
C THR B 347 -9.58 9.53 -6.99
N GLY B 348 -8.73 9.26 -6.00
CA GLY B 348 -7.43 8.70 -6.25
C GLY B 348 -7.14 7.68 -5.18
N SER B 349 -6.26 6.75 -5.52
CA SER B 349 -5.91 5.64 -4.64
C SER B 349 -4.44 5.30 -4.78
N TRP B 350 -4.02 4.31 -4.03
CA TRP B 350 -2.64 3.83 -4.06
C TRP B 350 -2.34 2.95 -5.28
N ASP B 351 -3.29 2.82 -6.19
CA ASP B 351 -3.11 2.07 -7.44
C ASP B 351 -2.47 2.92 -8.52
N SER B 352 -2.23 4.20 -8.24
CA SER B 352 -1.65 5.17 -9.18
C SER B 352 -2.61 5.50 -10.32
N PHE B 353 -3.90 5.53 -10.04
CA PHE B 353 -4.91 5.93 -11.02
C PHE B 353 -5.84 6.93 -10.37
N LEU B 354 -6.37 7.84 -11.18
CA LEU B 354 -7.45 8.71 -10.77
C LEU B 354 -8.70 8.32 -11.56
N LYS B 355 -9.85 8.40 -10.93
CA LYS B 355 -11.09 8.10 -11.65
C LYS B 355 -12.13 9.16 -11.39
N ILE B 356 -12.93 9.44 -12.42
CA ILE B 356 -14.00 10.43 -12.36
C ILE B 356 -15.33 9.70 -12.52
N TRP B 357 -16.30 10.02 -11.66
CA TRP B 357 -17.60 9.38 -11.65
C TRP B 357 -18.69 10.35 -12.07
N ASN B 358 -19.84 9.78 -12.45
CA ASN B 358 -20.98 10.57 -12.88
C ASN B 358 -22.30 9.82 -12.66
N THR C 6 6.81 22.68 39.22
CA THR C 6 5.47 22.99 38.71
C THR C 6 5.54 23.90 37.50
N ALA C 7 6.60 23.76 36.70
CA ALA C 7 6.74 24.55 35.48
C ALA C 7 5.59 24.30 34.49
N SER C 8 5.06 23.08 34.47
CA SER C 8 4.02 22.76 33.51
C SER C 8 2.75 23.56 33.70
N ILE C 9 2.63 24.31 34.80
CA ILE C 9 1.46 25.15 35.00
C ILE C 9 1.36 26.15 33.87
N ALA C 10 2.49 26.47 33.22
CA ALA C 10 2.48 27.43 32.13
C ALA C 10 1.58 26.92 31.01
N GLN C 11 1.59 25.61 30.76
CA GLN C 11 0.76 25.14 29.67
C GLN C 11 -0.67 24.98 30.16
N ALA C 12 -0.82 24.55 31.43
CA ALA C 12 -2.15 24.38 32.00
C ALA C 12 -2.91 25.69 32.06
N ARG C 13 -2.19 26.77 32.35
CA ARG C 13 -2.84 28.07 32.42
C ARG C 13 -3.38 28.44 31.05
N LYS C 14 -2.61 28.20 29.98
CA LYS C 14 -3.13 28.53 28.66
C LYS C 14 -4.39 27.74 28.38
N LEU C 15 -4.42 26.47 28.80
CA LEU C 15 -5.61 25.67 28.60
C LEU C 15 -6.79 26.29 29.33
N VAL C 16 -6.56 26.73 30.57
CA VAL C 16 -7.65 27.32 31.33
C VAL C 16 -8.16 28.56 30.62
N GLU C 17 -7.25 29.38 30.10
CA GLU C 17 -7.71 30.59 29.44
C GLU C 17 -8.51 30.25 28.20
N GLN C 18 -8.08 29.22 27.47
CA GLN C 18 -8.82 28.85 26.27
C GLN C 18 -10.18 28.32 26.66
N LEU C 19 -10.27 27.58 27.76
CA LEU C 19 -11.56 27.05 28.14
C LEU C 19 -12.50 28.19 28.53
N LYS C 20 -11.98 29.21 29.20
CA LYS C 20 -12.84 30.33 29.54
C LYS C 20 -13.39 30.97 28.28
N MET C 21 -12.54 31.11 27.26
CA MET C 21 -12.99 31.73 26.03
C MET C 21 -14.05 30.88 25.36
N GLU C 22 -13.93 29.56 25.48
CA GLU C 22 -14.95 28.69 24.89
C GLU C 22 -16.20 28.65 25.74
N ALA C 23 -16.08 28.84 27.06
CA ALA C 23 -17.27 28.83 27.91
C ALA C 23 -18.25 29.95 27.54
N ASN C 24 -17.72 31.12 27.19
CA ASN C 24 -18.56 32.28 26.88
C ASN C 24 -19.01 32.31 25.41
N ILE C 25 -19.81 31.31 25.03
CA ILE C 25 -20.35 31.23 23.68
C ILE C 25 -21.87 31.16 23.78
N ASP C 26 -22.56 32.02 23.02
CA ASP C 26 -24.02 32.08 23.01
C ASP C 26 -24.53 31.00 22.05
N ARG C 27 -24.55 29.77 22.55
CA ARG C 27 -24.90 28.61 21.74
C ARG C 27 -26.37 28.63 21.30
N ILE C 28 -26.59 28.32 20.03
CA ILE C 28 -27.92 28.26 19.42
C ILE C 28 -28.57 26.93 19.77
N LYS C 29 -29.90 26.93 19.84
CA LYS C 29 -30.62 25.69 20.07
C LYS C 29 -30.42 24.75 18.87
N VAL C 30 -30.22 23.46 19.18
CA VAL C 30 -29.93 22.47 18.13
C VAL C 30 -31.09 22.33 17.15
N SER C 31 -32.33 22.32 17.64
CA SER C 31 -33.45 22.08 16.74
C SER C 31 -33.60 23.17 15.69
N LYS C 32 -33.21 24.40 16.02
CA LYS C 32 -33.29 25.47 15.03
C LYS C 32 -32.22 25.30 13.96
N ALA C 33 -31.00 25.02 14.38
CA ALA C 33 -29.92 24.86 13.40
C ALA C 33 -30.20 23.66 12.50
N ALA C 34 -30.75 22.58 13.08
CA ALA C 34 -31.04 21.40 12.28
C ALA C 34 -32.13 21.72 11.26
N ALA C 35 -33.14 22.49 11.68
CA ALA C 35 -34.19 22.88 10.74
C ALA C 35 -33.62 23.75 9.63
N ASP C 36 -32.64 24.60 9.97
CA ASP C 36 -32.05 25.47 8.96
C ASP C 36 -31.24 24.66 7.96
N LEU C 37 -30.50 23.65 8.43
CA LEU C 37 -29.72 22.85 7.49
C LEU C 37 -30.63 22.05 6.59
N MET C 38 -31.73 21.51 7.14
CA MET C 38 -32.69 20.79 6.31
C MET C 38 -33.30 21.71 5.27
N ALA C 39 -33.69 22.92 5.68
CA ALA C 39 -34.29 23.86 4.72
C ALA C 39 -33.30 24.22 3.63
N TYR C 40 -32.03 24.43 3.99
CA TYR C 40 -31.00 24.71 2.99
C TYR C 40 -30.92 23.58 1.97
N CYS C 41 -30.84 22.34 2.47
CA CYS C 41 -30.71 21.20 1.59
C CYS C 41 -31.91 21.08 0.66
N GLU C 42 -33.11 21.34 1.18
CA GLU C 42 -34.31 21.24 0.34
C GLU C 42 -34.35 22.35 -0.71
N ALA C 43 -33.94 23.56 -0.33
CA ALA C 43 -34.02 24.70 -1.26
C ALA C 43 -33.19 24.46 -2.52
N HIS C 44 -32.04 23.79 -2.41
CA HIS C 44 -31.15 23.58 -3.54
C HIS C 44 -31.14 22.14 -4.05
N ALA C 45 -32.10 21.30 -3.64
CA ALA C 45 -32.05 19.89 -4.06
C ALA C 45 -32.16 19.73 -5.57
N LYS C 46 -32.98 20.55 -6.22
CA LYS C 46 -33.19 20.44 -7.66
C LYS C 46 -31.98 20.87 -8.47
N GLU C 47 -31.04 21.58 -7.85
CA GLU C 47 -29.85 22.15 -8.46
C GLU C 47 -28.62 21.27 -8.35
N ASP C 48 -28.69 20.12 -7.67
CA ASP C 48 -27.51 19.32 -7.40
C ASP C 48 -27.38 18.20 -8.42
N PRO C 49 -26.40 18.29 -9.32
CA PRO C 49 -26.24 17.26 -10.37
C PRO C 49 -25.98 15.84 -9.87
N LEU C 50 -25.58 15.64 -8.62
CA LEU C 50 -25.29 14.29 -8.17
C LEU C 50 -26.51 13.60 -7.58
N LEU C 51 -27.61 14.31 -7.40
CA LEU C 51 -28.85 13.76 -6.88
C LEU C 51 -29.90 13.70 -7.99
N THR C 52 -29.88 14.72 -8.84
CA THR C 52 -30.79 14.93 -9.96
C THR C 52 -30.32 14.08 -11.15
N PRO C 53 -31.19 13.33 -11.80
CA PRO C 53 -30.80 12.54 -12.99
C PRO C 53 -30.66 13.40 -14.22
N VAL C 54 -29.57 14.18 -14.25
CA VAL C 54 -29.30 15.15 -15.31
C VAL C 54 -29.11 14.43 -16.64
N PRO C 55 -29.78 14.86 -17.71
CA PRO C 55 -29.66 14.23 -19.02
C PRO C 55 -28.23 14.13 -19.55
N ALA C 56 -27.98 13.05 -20.29
CA ALA C 56 -26.67 12.77 -20.88
C ALA C 56 -26.22 13.87 -21.85
N SER C 57 -27.16 14.55 -22.51
CA SER C 57 -26.81 15.60 -23.45
C SER C 57 -26.25 16.84 -22.76
N GLU C 58 -26.45 16.96 -21.45
CA GLU C 58 -25.97 18.08 -20.65
C GLU C 58 -24.69 17.73 -19.91
N ASN C 59 -24.52 16.45 -19.57
CA ASN C 59 -23.40 15.92 -18.81
C ASN C 59 -22.15 15.93 -19.69
N PRO C 60 -21.18 16.81 -19.45
CA PRO C 60 -20.04 16.96 -20.37
C PRO C 60 -19.05 15.81 -20.32
N PHE C 61 -19.19 14.87 -19.39
CA PHE C 61 -18.23 13.78 -19.26
C PHE C 61 -18.56 12.60 -20.16
N ARG C 62 -19.68 12.64 -20.87
CA ARG C 62 -20.08 11.58 -21.78
C ARG C 62 -21.23 12.03 -22.67
N GLN D 1 -14.90 12.98 23.24
CA GLN D 1 -13.82 13.15 24.21
C GLN D 1 -13.60 11.84 24.95
N VAL D 2 -12.34 11.45 25.11
CA VAL D 2 -11.95 10.22 25.79
C VAL D 2 -11.08 10.56 26.97
N GLN D 3 -11.25 9.81 28.07
CA GLN D 3 -10.46 10.03 29.26
C GLN D 3 -9.99 8.70 29.84
N LEU D 4 -8.82 8.74 30.48
CA LEU D 4 -8.27 7.64 31.24
C LEU D 4 -7.86 8.19 32.60
N GLN D 5 -8.40 7.62 33.68
CA GLN D 5 -8.10 8.09 35.03
C GLN D 5 -7.59 6.94 35.89
N GLU D 6 -6.33 7.02 36.29
CA GLU D 6 -5.69 6.00 37.11
C GLU D 6 -6.11 6.13 38.57
N SER D 7 -6.05 5.01 39.30
CA SER D 7 -6.31 5.04 40.73
C SER D 7 -5.58 3.88 41.41
N GLY D 8 -5.74 3.80 42.72
CA GLY D 8 -5.15 2.75 43.53
C GLY D 8 -3.68 2.91 43.87
N GLY D 9 -3.15 4.13 43.86
CA GLY D 9 -1.76 4.37 44.15
C GLY D 9 -1.51 4.48 45.64
N GLY D 10 -0.35 5.02 45.99
CA GLY D 10 0.01 5.21 47.38
C GLY D 10 1.45 4.85 47.65
N LEU D 11 1.79 4.77 48.94
CA LEU D 11 3.13 4.46 49.41
C LEU D 11 3.09 3.15 50.19
N VAL D 12 4.02 2.26 49.88
CA VAL D 12 4.12 0.96 50.55
C VAL D 12 5.57 0.65 50.86
N GLN D 13 5.78 -0.22 51.84
CA GLN D 13 7.10 -0.65 52.24
C GLN D 13 7.61 -1.74 51.30
N PRO D 14 8.93 -1.93 51.22
CA PRO D 14 9.46 -2.98 50.35
C PRO D 14 8.88 -4.34 50.68
N GLY D 15 8.49 -5.08 49.64
CA GLY D 15 7.88 -6.37 49.80
C GLY D 15 6.36 -6.34 49.79
N GLY D 16 5.76 -5.16 49.84
CA GLY D 16 4.32 -5.00 49.86
C GLY D 16 3.75 -5.07 48.45
N SER D 17 2.46 -4.74 48.35
CA SER D 17 1.81 -4.83 47.05
C SER D 17 0.70 -3.78 46.95
N LEU D 18 0.37 -3.43 45.70
CA LEU D 18 -0.73 -2.53 45.39
C LEU D 18 -1.60 -3.12 44.29
N ARG D 19 -2.85 -2.69 44.25
CA ARG D 19 -3.73 -2.99 43.12
C ARG D 19 -4.16 -1.66 42.51
N LEU D 20 -3.71 -1.41 41.28
CA LEU D 20 -4.01 -0.16 40.59
C LEU D 20 -5.21 -0.39 39.69
N SER D 21 -5.91 0.70 39.39
CA SER D 21 -7.04 0.66 38.48
C SER D 21 -6.91 1.79 37.46
N CYS D 22 -7.83 1.79 36.50
CA CYS D 22 -7.88 2.80 35.45
C CYS D 22 -9.27 2.79 34.82
N ALA D 23 -9.99 3.91 34.94
CA ALA D 23 -11.33 4.04 34.40
C ALA D 23 -11.22 4.75 33.06
N ALA D 24 -11.88 4.19 32.05
CA ALA D 24 -11.87 4.75 30.71
C ALA D 24 -13.25 5.27 30.32
N SER D 25 -13.26 6.31 29.50
CA SER D 25 -14.52 6.83 28.99
C SER D 25 -14.31 7.41 27.60
N GLY D 26 -15.42 7.51 26.86
CA GLY D 26 -15.45 8.13 25.56
C GLY D 26 -15.15 7.23 24.38
N PHE D 27 -14.92 5.94 24.61
CA PHE D 27 -14.61 5.01 23.53
C PHE D 27 -15.05 3.61 23.93
N THR D 28 -15.17 2.74 22.93
CA THR D 28 -15.49 1.34 23.20
C THR D 28 -14.23 0.65 23.72
N PHE D 29 -14.25 0.29 25.01
CA PHE D 29 -13.06 -0.26 25.66
C PHE D 29 -12.63 -1.59 25.05
N SER D 30 -13.60 -2.48 24.79
CA SER D 30 -13.31 -3.82 24.29
C SER D 30 -12.67 -3.85 22.90
N ASN D 31 -12.60 -2.74 22.18
CA ASN D 31 -11.97 -2.74 20.86
C ASN D 31 -10.52 -2.29 20.87
N TYR D 32 -9.94 -1.95 22.02
CA TYR D 32 -8.58 -1.44 22.06
C TYR D 32 -7.67 -2.26 22.96
N LYS D 33 -6.40 -2.33 22.55
CA LYS D 33 -5.34 -2.90 23.37
C LYS D 33 -4.99 -1.88 24.44
N MET D 34 -4.66 -2.35 25.64
CA MET D 34 -4.34 -1.44 26.73
C MET D 34 -2.96 -1.74 27.28
N ASN D 35 -2.26 -0.68 27.70
CA ASN D 35 -0.91 -0.82 28.21
C ASN D 35 -0.73 -0.06 29.50
N TRP D 36 0.27 -0.49 30.27
CA TRP D 36 0.76 0.23 31.42
C TRP D 36 2.19 0.67 31.09
N VAL D 37 2.49 1.94 31.38
CA VAL D 37 3.79 2.54 31.14
C VAL D 37 4.22 3.27 32.40
N ARG D 38 5.52 3.35 32.66
CA ARG D 38 5.95 4.08 33.85
C ARG D 38 6.93 5.19 33.46
N GLN D 39 6.87 6.26 34.26
CA GLN D 39 7.78 7.40 34.20
C GLN D 39 8.69 7.39 35.42
N ALA D 40 9.96 7.10 35.21
CA ALA D 40 10.91 7.05 36.32
C ALA D 40 11.26 8.48 36.73
N PRO D 41 11.46 8.74 38.03
CA PRO D 41 11.80 10.11 38.47
C PRO D 41 12.96 10.75 37.70
N GLY D 42 13.93 9.97 37.24
CA GLY D 42 15.05 10.51 36.50
C GLY D 42 15.27 9.85 35.14
N LYS D 43 14.28 9.09 34.67
CA LYS D 43 14.39 8.37 33.41
C LYS D 43 13.12 8.56 32.59
N GLY D 44 13.26 8.39 31.28
CA GLY D 44 12.13 8.50 30.37
C GLY D 44 11.16 7.34 30.48
N LEU D 45 9.94 7.60 30.04
CA LEU D 45 8.87 6.60 30.06
C LEU D 45 9.34 5.24 29.54
N GLU D 46 8.90 4.19 30.24
CA GLU D 46 9.23 2.81 29.89
C GLU D 46 7.95 1.98 29.87
N TRP D 47 7.83 1.14 28.85
CA TRP D 47 6.67 0.26 28.75
C TRP D 47 6.74 -0.84 29.82
N VAL D 48 5.59 -1.15 30.41
CA VAL D 48 5.49 -2.19 31.44
C VAL D 48 4.64 -3.38 30.99
N SER D 49 3.40 -3.15 30.62
CA SER D 49 2.54 -4.29 30.28
C SER D 49 1.64 -3.99 29.08
N ASP D 50 1.30 -5.04 28.33
CA ASP D 50 0.46 -4.93 27.14
C ASP D 50 -0.59 -6.04 27.13
N ILE D 51 -1.87 -5.69 27.26
CA ILE D 51 -2.96 -6.67 27.23
C ILE D 51 -3.81 -6.45 25.98
N SER D 52 -4.08 -7.55 25.26
CA SER D 52 -4.86 -7.55 24.04
C SER D 52 -6.33 -7.25 24.32
N GLN D 53 -7.08 -6.94 23.25
CA GLN D 53 -8.48 -6.56 23.40
C GLN D 53 -9.29 -7.63 24.14
N SER D 54 -9.01 -8.89 23.87
CA SER D 54 -9.74 -9.99 24.50
C SER D 54 -9.15 -10.45 25.82
N GLY D 55 -7.94 -10.03 26.16
CA GLY D 55 -7.28 -10.52 27.34
C GLY D 55 -6.62 -11.87 27.16
N ALA D 56 -6.64 -12.41 25.94
CA ALA D 56 -6.10 -13.74 25.65
C ALA D 56 -4.58 -13.76 25.63
N SER D 57 -3.94 -12.64 25.35
CA SER D 57 -2.49 -12.56 25.21
C SER D 57 -2.00 -11.38 26.02
N ILE D 58 -1.13 -11.65 26.98
CA ILE D 58 -0.61 -10.64 27.90
C ILE D 58 0.92 -10.66 27.82
N SER D 59 1.51 -9.49 27.62
CA SER D 59 2.96 -9.36 27.58
C SER D 59 3.42 -8.48 28.72
N TYR D 60 4.59 -8.81 29.27
CA TYR D 60 5.20 -8.06 30.36
C TYR D 60 6.65 -7.77 30.03
N THR D 61 7.16 -6.66 30.55
CA THR D 61 8.59 -6.44 30.46
C THR D 61 9.28 -7.47 31.34
N GLY D 62 10.48 -7.88 30.94
CA GLY D 62 11.16 -8.94 31.67
C GLY D 62 11.37 -8.61 33.14
N SER D 63 11.59 -7.33 33.46
CA SER D 63 11.84 -6.93 34.83
C SER D 63 10.64 -7.09 35.76
N VAL D 64 9.43 -7.33 35.24
CA VAL D 64 8.26 -7.47 36.08
C VAL D 64 7.64 -8.87 36.03
N LYS D 65 8.24 -9.80 35.28
CA LYS D 65 7.65 -11.13 35.18
C LYS D 65 7.68 -11.82 36.54
N GLY D 66 6.54 -12.41 36.92
CA GLY D 66 6.41 -13.12 38.16
C GLY D 66 6.10 -12.24 39.36
N ARG D 67 6.05 -10.93 39.18
CA ARG D 67 5.80 -9.94 40.22
C ARG D 67 4.57 -9.09 39.93
N PHE D 68 4.34 -8.74 38.67
CA PHE D 68 3.21 -7.92 38.27
C PHE D 68 2.29 -8.70 37.36
N THR D 69 1.00 -8.45 37.48
CA THR D 69 0.01 -9.03 36.59
C THR D 69 -0.97 -7.94 36.17
N ILE D 70 -1.60 -8.12 35.00
CA ILE D 70 -2.61 -7.18 34.56
C ILE D 70 -3.87 -7.93 34.16
N SER D 71 -4.98 -7.20 34.13
CA SER D 71 -6.26 -7.73 33.69
C SER D 71 -7.12 -6.56 33.23
N ARG D 72 -8.21 -6.91 32.55
CA ARG D 72 -9.18 -5.90 32.11
C ARG D 72 -10.57 -6.48 32.29
N ASP D 73 -11.54 -5.59 32.45
CA ASP D 73 -12.95 -5.97 32.55
C ASP D 73 -13.71 -5.09 31.56
N ASN D 74 -14.14 -5.71 30.46
CA ASN D 74 -14.78 -4.98 29.37
C ASN D 74 -16.21 -4.60 29.68
N ALA D 75 -16.79 -5.14 30.76
CA ALA D 75 -18.16 -4.80 31.13
C ALA D 75 -18.19 -3.60 32.05
N LYS D 76 -17.02 -3.21 32.55
CA LYS D 76 -16.84 -2.12 33.49
C LYS D 76 -15.92 -1.07 32.92
N ASN D 77 -15.26 -1.37 31.80
CA ASN D 77 -14.24 -0.51 31.21
C ASN D 77 -13.16 -0.20 32.24
N THR D 78 -12.63 -1.26 32.85
CA THR D 78 -11.60 -1.06 33.86
C THR D 78 -10.38 -1.92 33.64
N LEU D 79 -9.20 -1.32 33.77
CA LEU D 79 -7.92 -1.98 33.61
C LEU D 79 -7.22 -1.97 34.95
N TYR D 80 -6.74 -3.14 35.38
CA TYR D 80 -6.09 -3.26 36.68
C TYR D 80 -4.62 -3.63 36.54
N LEU D 81 -3.91 -3.52 37.66
CA LEU D 81 -2.51 -3.91 37.73
C LEU D 81 -2.19 -4.36 39.15
N GLN D 82 -1.79 -5.62 39.29
CA GLN D 82 -1.41 -6.18 40.58
C GLN D 82 0.10 -6.09 40.69
N MET D 83 0.58 -5.33 41.68
CA MET D 83 1.99 -5.04 41.88
C MET D 83 2.45 -5.74 43.16
N ASN D 84 3.08 -6.90 43.02
CA ASN D 84 3.47 -7.72 44.17
C ASN D 84 4.98 -7.65 44.36
N SER D 85 5.43 -7.95 45.58
CA SER D 85 6.86 -8.07 45.90
C SER D 85 7.64 -6.86 45.39
N LEU D 86 7.16 -5.67 45.72
CA LEU D 86 7.74 -4.46 45.18
C LEU D 86 9.05 -4.09 45.86
N LYS D 87 9.94 -3.48 45.09
CA LYS D 87 11.27 -3.07 45.53
C LYS D 87 11.45 -1.59 45.25
N PRO D 88 12.43 -0.94 45.89
CA PRO D 88 12.68 0.49 45.63
C PRO D 88 12.79 0.83 44.15
N GLU D 89 13.27 -0.10 43.32
CA GLU D 89 13.42 0.12 41.89
C GLU D 89 12.09 0.36 41.18
N ASP D 90 10.96 0.00 41.80
CA ASP D 90 9.67 0.17 41.15
C ASP D 90 9.02 1.53 41.41
N THR D 91 9.70 2.44 42.11
CA THR D 91 9.13 3.77 42.32
C THR D 91 9.03 4.48 40.97
N ALA D 92 7.84 4.93 40.61
CA ALA D 92 7.61 5.60 39.35
C ALA D 92 6.19 6.13 39.31
N VAL D 93 5.92 7.02 38.35
CA VAL D 93 4.54 7.40 38.06
C VAL D 93 4.03 6.43 37.01
N TYR D 94 2.92 5.78 37.29
CA TYR D 94 2.34 4.80 36.38
C TYR D 94 1.20 5.40 35.58
N TYR D 95 1.15 5.11 34.28
CA TYR D 95 0.08 5.60 33.41
C TYR D 95 -0.60 4.47 32.64
N CYS D 96 -1.91 4.55 32.43
CA CYS D 96 -2.61 3.53 31.64
C CYS D 96 -2.83 4.15 30.27
N ALA D 97 -2.31 3.50 29.24
CA ALA D 97 -2.40 4.01 27.88
C ALA D 97 -3.21 3.15 26.93
N ARG D 98 -3.73 3.79 25.88
CA ARG D 98 -4.51 3.12 24.86
C ARG D 98 -3.81 3.17 23.51
N CYS D 99 -3.88 2.06 22.78
CA CYS D 99 -3.35 2.00 21.43
C CYS D 99 -4.15 2.95 20.53
N PRO D 100 -3.49 3.65 19.60
CA PRO D 100 -4.18 4.69 18.83
C PRO D 100 -5.32 4.23 17.95
N ALA D 101 -5.42 2.95 17.58
CA ALA D 101 -6.52 2.59 16.70
C ALA D 101 -7.16 1.27 17.10
N PRO D 102 -8.46 1.12 16.86
CA PRO D 102 -9.15 -0.14 17.17
C PRO D 102 -8.83 -1.23 16.16
N PHE D 103 -9.02 -2.48 16.62
CA PHE D 103 -8.92 -3.67 15.77
C PHE D 103 -7.53 -3.87 15.17
N THR D 104 -6.48 -3.35 15.80
CA THR D 104 -5.13 -3.54 15.28
C THR D 104 -4.22 -4.04 16.39
N ARG D 105 -2.97 -4.34 16.01
CA ARG D 105 -1.98 -4.89 16.93
C ARG D 105 -0.65 -4.15 16.87
N ASP D 106 -0.63 -2.94 16.32
CA ASP D 106 0.56 -2.09 16.23
C ASP D 106 0.34 -0.83 17.07
N CYS D 107 1.23 -0.58 18.03
CA CYS D 107 1.05 0.55 18.93
C CYS D 107 2.33 1.36 19.09
N PHE D 108 2.16 2.68 19.19
CA PHE D 108 3.26 3.64 19.40
C PHE D 108 2.83 4.58 20.53
N ASP D 109 2.87 4.13 21.78
CA ASP D 109 2.28 4.90 22.87
C ASP D 109 3.23 5.25 24.02
N VAL D 110 4.54 5.23 23.82
CA VAL D 110 5.43 5.61 24.90
C VAL D 110 6.23 6.84 24.48
N THR D 111 5.64 7.66 23.60
CA THR D 111 6.34 8.82 23.08
C THR D 111 6.61 9.85 24.16
N SER D 112 7.82 10.44 24.10
CA SER D 112 8.19 11.50 25.04
C SER D 112 7.22 12.67 24.92
N THR D 113 6.91 13.06 23.69
CA THR D 113 5.97 14.14 23.42
C THR D 113 4.56 13.73 23.82
N THR D 114 3.79 14.73 24.25
CA THR D 114 2.41 14.55 24.71
C THR D 114 1.66 13.56 23.85
N TYR D 115 1.25 12.45 24.46
CA TYR D 115 0.51 11.40 23.79
C TYR D 115 -0.96 11.66 24.09
N ALA D 116 -1.80 11.53 23.06
CA ALA D 116 -3.20 11.91 23.20
C ALA D 116 -4.00 10.91 24.04
N TYR D 117 -3.65 9.64 24.02
CA TYR D 117 -4.49 8.69 24.74
C TYR D 117 -3.74 8.11 25.92
N ARG D 118 -3.37 8.96 26.86
CA ARG D 118 -2.64 8.60 28.07
C ARG D 118 -3.30 9.32 29.24
N GLY D 119 -3.36 8.68 30.40
CA GLY D 119 -3.92 9.32 31.56
C GLY D 119 -2.91 10.20 32.29
N GLN D 120 -3.33 10.70 33.45
CA GLN D 120 -2.48 11.57 34.24
C GLN D 120 -1.43 10.82 35.03
N GLY D 121 -1.72 9.58 35.43
CA GLY D 121 -0.78 8.76 36.15
C GLY D 121 -0.96 8.83 37.66
N THR D 122 -0.46 7.80 38.34
CA THR D 122 -0.49 7.70 39.78
C THR D 122 0.90 7.38 40.30
N GLN D 123 1.31 8.06 41.37
CA GLN D 123 2.65 7.86 41.92
C GLN D 123 2.68 6.63 42.82
N VAL D 124 3.60 5.71 42.53
CA VAL D 124 3.75 4.50 43.32
C VAL D 124 5.10 4.58 44.01
N THR D 125 5.13 5.07 45.25
CA THR D 125 6.36 5.22 46.00
C THR D 125 6.57 4.03 46.93
N VAL D 126 7.74 3.42 46.86
CA VAL D 126 8.06 2.27 47.69
C VAL D 126 9.27 2.56 48.57
N GLY E 41 -3.73 -53.47 -35.87
CA GLY E 41 -4.17 -52.39 -36.73
C GLY E 41 -3.13 -51.30 -36.89
N CYS E 42 -1.88 -51.62 -36.54
CA CYS E 42 -0.81 -50.64 -36.64
C CYS E 42 -0.56 -50.20 -38.08
N TYR E 43 -0.64 -51.13 -39.05
CA TYR E 43 -0.35 -50.75 -40.42
C TYR E 43 -1.31 -49.68 -40.93
N GLU E 44 -2.60 -49.80 -40.60
CA GLU E 44 -3.56 -48.79 -41.01
C GLU E 44 -3.33 -47.49 -40.23
N GLN E 45 -3.52 -46.36 -40.91
CA GLN E 45 -3.35 -45.07 -40.26
C GLN E 45 -4.54 -44.78 -39.36
N LEU E 46 -4.25 -44.38 -38.13
CA LEU E 46 -5.30 -44.07 -37.16
C LEU E 46 -6.10 -42.87 -37.62
N PHE E 47 -7.41 -43.03 -37.71
CA PHE E 47 -8.26 -41.96 -38.17
C PHE E 47 -8.99 -41.35 -36.98
N VAL E 48 -8.84 -40.05 -36.81
CA VAL E 48 -9.48 -39.33 -35.71
C VAL E 48 -10.64 -38.52 -36.24
N SER E 49 -11.78 -38.58 -35.54
CA SER E 49 -12.95 -37.83 -35.96
C SER E 49 -12.63 -36.34 -36.11
N PRO E 50 -12.96 -35.72 -37.25
CA PRO E 50 -12.73 -34.28 -37.42
C PRO E 50 -13.32 -33.44 -36.29
N GLU E 51 -14.51 -33.82 -35.84
CA GLU E 51 -15.19 -33.15 -34.74
C GLU E 51 -14.25 -32.87 -33.57
N VAL E 52 -13.39 -33.83 -33.23
CA VAL E 52 -12.48 -33.63 -32.11
C VAL E 52 -11.51 -32.47 -32.40
N PHE E 53 -11.00 -32.41 -33.64
CA PHE E 53 -10.11 -31.32 -33.99
C PHE E 53 -10.82 -29.97 -33.95
N VAL E 54 -12.07 -29.93 -34.41
CA VAL E 54 -12.78 -28.66 -34.42
C VAL E 54 -13.19 -28.25 -33.01
N THR E 55 -13.41 -29.22 -32.13
CA THR E 55 -13.78 -28.90 -30.76
C THR E 55 -12.58 -28.34 -30.01
N LEU E 56 -11.45 -29.05 -30.06
CA LEU E 56 -10.27 -28.53 -29.39
C LEU E 56 -9.90 -27.17 -29.95
N GLY E 57 -9.99 -27.01 -31.28
CA GLY E 57 -9.66 -25.72 -31.87
C GLY E 57 -10.52 -24.58 -31.34
N VAL E 58 -11.85 -24.79 -31.30
CA VAL E 58 -12.72 -23.71 -30.84
C VAL E 58 -12.51 -23.41 -29.36
N ILE E 59 -12.39 -24.44 -28.52
CA ILE E 59 -12.27 -24.19 -27.09
C ILE E 59 -10.96 -23.47 -26.79
N SER E 60 -9.85 -23.94 -27.36
CA SER E 60 -8.58 -23.28 -27.12
C SER E 60 -8.58 -21.88 -27.73
N LEU E 61 -9.32 -21.68 -28.83
CA LEU E 61 -9.44 -20.36 -29.42
C LEU E 61 -10.07 -19.40 -28.43
N LEU E 62 -11.19 -19.80 -27.83
CA LEU E 62 -11.86 -18.91 -26.90
C LEU E 62 -10.98 -18.63 -25.69
N GLU E 63 -10.26 -19.66 -25.21
CA GLU E 63 -9.42 -19.48 -24.03
C GLU E 63 -8.24 -18.55 -24.30
N ASN E 64 -7.58 -18.69 -25.45
CA ASN E 64 -6.46 -17.79 -25.73
C ASN E 64 -6.94 -16.40 -26.08
N ILE E 65 -8.15 -16.29 -26.65
CA ILE E 65 -8.72 -14.97 -26.90
C ILE E 65 -8.95 -14.27 -25.57
N LEU E 66 -9.52 -14.99 -24.60
CA LEU E 66 -9.74 -14.40 -23.28
C LEU E 66 -8.42 -13.99 -22.65
N VAL E 67 -7.35 -14.76 -22.88
CA VAL E 67 -6.05 -14.39 -22.32
C VAL E 67 -5.56 -13.07 -22.91
N ILE E 68 -5.62 -12.95 -24.24
CA ILE E 68 -5.10 -11.74 -24.88
C ILE E 68 -5.98 -10.55 -24.58
N VAL E 69 -7.28 -10.75 -24.41
CA VAL E 69 -8.17 -9.63 -24.08
C VAL E 69 -7.89 -9.18 -22.65
N ALA E 70 -7.77 -10.12 -21.73
CA ALA E 70 -7.49 -9.78 -20.33
C ALA E 70 -6.19 -9.01 -20.20
N ILE E 71 -5.17 -9.36 -21.01
CA ILE E 71 -3.92 -8.61 -20.95
C ILE E 71 -4.07 -7.23 -21.59
N ALA E 72 -4.69 -7.16 -22.78
CA ALA E 72 -4.87 -5.86 -23.44
C ALA E 72 -5.71 -4.88 -22.64
N LYS E 73 -6.70 -5.39 -21.91
CA LYS E 73 -7.62 -4.56 -21.14
C LYS E 73 -7.25 -4.26 -19.69
N ASN E 74 -6.08 -4.72 -19.23
CA ASN E 74 -5.69 -4.45 -17.86
C ASN E 74 -4.30 -3.82 -17.88
N LYS E 75 -4.27 -2.50 -17.82
CA LYS E 75 -3.05 -1.70 -17.88
C LYS E 75 -1.96 -2.13 -16.92
N ASN E 76 -2.33 -2.77 -15.83
CA ASN E 76 -1.33 -3.19 -14.85
C ASN E 76 -0.52 -4.36 -15.42
N LEU E 77 -1.12 -5.11 -16.35
CA LEU E 77 -0.51 -6.32 -16.89
C LEU E 77 0.28 -5.98 -18.16
N HIS E 78 1.22 -5.05 -18.03
CA HIS E 78 2.06 -4.63 -19.15
C HIS E 78 3.55 -4.85 -18.89
N SER E 79 3.91 -5.74 -17.98
CA SER E 79 5.31 -6.05 -17.78
C SER E 79 5.79 -7.00 -18.87
N PRO E 80 7.11 -7.09 -19.09
CA PRO E 80 7.62 -8.05 -20.09
C PRO E 80 7.08 -9.46 -19.97
N MET E 81 6.85 -9.94 -18.75
CA MET E 81 6.38 -11.31 -18.58
C MET E 81 5.01 -11.49 -19.21
N TYR E 82 4.17 -10.46 -19.17
CA TYR E 82 2.84 -10.60 -19.72
C TYR E 82 2.87 -10.44 -21.22
N PHE E 83 3.88 -9.74 -21.76
CA PHE E 83 4.02 -9.67 -23.21
C PHE E 83 4.43 -11.03 -23.76
N PHE E 84 5.29 -11.74 -23.00
CA PHE E 84 5.68 -13.08 -23.42
C PHE E 84 4.52 -14.06 -23.30
N ILE E 85 3.71 -13.91 -22.25
CA ILE E 85 2.52 -14.76 -22.14
C ILE E 85 1.55 -14.48 -23.29
N CYS E 86 1.38 -13.20 -23.64
CA CYS E 86 0.55 -12.83 -24.78
C CYS E 86 1.05 -13.47 -26.07
N SER E 87 2.37 -13.43 -26.29
CA SER E 87 2.94 -14.05 -27.48
C SER E 87 2.64 -15.54 -27.51
N LEU E 88 2.78 -16.21 -26.36
CA LEU E 88 2.45 -17.62 -26.29
C LEU E 88 0.98 -17.87 -26.63
N ALA E 89 0.09 -17.07 -26.05
CA ALA E 89 -1.33 -17.24 -26.31
C ALA E 89 -1.64 -17.06 -27.80
N VAL E 90 -0.95 -16.12 -28.44
CA VAL E 90 -1.16 -15.90 -29.88
C VAL E 90 -0.71 -17.11 -30.67
N ALA E 91 0.48 -17.63 -30.36
CA ALA E 91 0.96 -18.81 -31.08
C ALA E 91 0.03 -20.00 -30.89
N ASP E 92 -0.51 -20.17 -29.68
CA ASP E 92 -1.42 -21.30 -29.44
C ASP E 92 -2.72 -21.11 -30.21
N MET E 93 -3.20 -19.87 -30.29
CA MET E 93 -4.40 -19.60 -31.06
C MET E 93 -4.16 -19.93 -32.52
N LEU E 94 -2.97 -19.60 -33.03
CA LEU E 94 -2.65 -19.89 -34.42
C LEU E 94 -2.59 -21.39 -34.66
N VAL E 95 -2.06 -22.16 -33.70
CA VAL E 95 -1.99 -23.61 -33.89
C VAL E 95 -3.40 -24.18 -33.97
N SER E 96 -4.26 -23.77 -33.03
CA SER E 96 -5.61 -24.31 -32.99
C SER E 96 -6.44 -23.89 -34.20
N VAL E 97 -6.31 -22.63 -34.62
CA VAL E 97 -7.09 -22.17 -35.77
C VAL E 97 -6.62 -22.84 -37.04
N SER E 98 -5.30 -22.93 -37.22
CA SER E 98 -4.78 -23.51 -38.44
C SER E 98 -5.15 -24.98 -38.55
N ASN E 99 -5.11 -25.72 -37.44
CA ASN E 99 -5.46 -27.13 -37.52
C ASN E 99 -6.96 -27.32 -37.69
N GLY E 100 -7.78 -26.47 -37.04
CA GLY E 100 -9.22 -26.55 -37.25
C GLY E 100 -9.60 -26.23 -38.68
N SER E 101 -8.93 -25.22 -39.26
CA SER E 101 -9.20 -24.84 -40.64
C SER E 101 -8.83 -25.97 -41.58
N GLU E 102 -7.65 -26.56 -41.39
CA GLU E 102 -7.23 -27.65 -42.27
C GLU E 102 -8.20 -28.82 -42.16
N THR E 103 -8.65 -29.11 -40.94
CA THR E 103 -9.61 -30.20 -40.73
C THR E 103 -10.93 -29.93 -41.46
N ILE E 104 -11.45 -28.72 -41.32
CA ILE E 104 -12.72 -28.38 -41.98
C ILE E 104 -12.56 -28.41 -43.50
N VAL E 105 -11.45 -27.86 -44.02
CA VAL E 105 -11.24 -27.85 -45.45
C VAL E 105 -11.17 -29.25 -46.01
N ILE E 106 -10.44 -30.14 -45.32
CA ILE E 106 -10.33 -31.52 -45.76
C ILE E 106 -11.70 -32.20 -45.74
N THR E 107 -12.45 -32.01 -44.65
CA THR E 107 -13.77 -32.62 -44.54
C THR E 107 -14.68 -32.17 -45.66
N LEU E 108 -14.71 -30.86 -45.93
CA LEU E 108 -15.60 -30.32 -46.97
C LEU E 108 -15.18 -30.81 -48.35
N LEU E 109 -13.87 -30.84 -48.61
CA LEU E 109 -13.40 -31.32 -49.92
C LEU E 109 -13.74 -32.79 -50.10
N ASN E 110 -13.64 -33.58 -49.03
CA ASN E 110 -13.94 -35.01 -49.09
C ASN E 110 -15.43 -35.25 -49.28
N SER E 111 -16.27 -34.40 -48.70
CA SER E 111 -17.71 -34.57 -48.87
C SER E 111 -18.16 -34.22 -50.28
N THR E 112 -17.48 -33.27 -50.93
CA THR E 112 -17.84 -32.88 -52.29
C THR E 112 -17.47 -33.97 -53.28
N SER E 118 -4.41 -28.71 -58.17
CA SER E 118 -4.57 -27.29 -58.48
C SER E 118 -4.73 -26.47 -57.21
N PHE E 119 -5.98 -26.26 -56.80
CA PHE E 119 -6.24 -25.51 -55.57
C PHE E 119 -5.75 -26.25 -54.34
N THR E 120 -5.92 -27.59 -54.34
CA THR E 120 -5.52 -28.41 -53.20
C THR E 120 -4.06 -28.20 -52.82
N VAL E 121 -3.17 -28.13 -53.81
CA VAL E 121 -1.75 -28.02 -53.52
C VAL E 121 -1.44 -26.68 -52.86
N ASN E 122 -1.99 -25.59 -53.40
CA ASN E 122 -1.70 -24.28 -52.84
C ASN E 122 -2.32 -24.14 -51.45
N ILE E 123 -3.50 -24.72 -51.25
CA ILE E 123 -4.16 -24.62 -49.95
C ILE E 123 -3.37 -25.40 -48.91
N ASP E 124 -3.04 -26.63 -49.27
CA ASP E 124 -2.31 -27.53 -48.40
C ASP E 124 -0.93 -26.97 -48.17
N ASN E 125 -0.35 -26.43 -49.23
CA ASN E 125 0.98 -25.84 -49.14
C ASN E 125 1.01 -24.62 -48.22
N VAL E 126 -0.06 -23.84 -48.23
CA VAL E 126 -0.11 -22.66 -47.36
C VAL E 126 -0.46 -22.96 -45.91
N ILE E 127 -1.55 -23.68 -45.65
CA ILE E 127 -1.97 -24.04 -44.30
C ILE E 127 -0.80 -24.69 -43.56
N ASP E 128 -0.05 -25.56 -44.24
CA ASP E 128 1.08 -26.21 -43.58
C ASP E 128 2.16 -25.21 -43.22
N SER E 129 2.39 -24.19 -44.05
CA SER E 129 3.41 -23.21 -43.67
C SER E 129 2.95 -22.39 -42.48
N VAL E 130 1.64 -22.17 -42.37
CA VAL E 130 1.11 -21.46 -41.22
C VAL E 130 1.27 -22.32 -39.96
N ILE E 131 0.94 -23.61 -40.07
CA ILE E 131 1.02 -24.50 -38.90
C ILE E 131 2.45 -24.64 -38.42
N CYS E 132 3.39 -24.87 -39.35
CA CYS E 132 4.79 -25.00 -38.96
C CYS E 132 5.31 -23.73 -38.29
N SER E 133 5.01 -22.57 -38.90
CA SER E 133 5.46 -21.31 -38.31
C SER E 133 4.87 -21.12 -36.91
N SER E 134 3.58 -21.42 -36.75
CA SER E 134 2.94 -21.23 -35.47
C SER E 134 3.49 -22.18 -34.41
N LEU E 135 3.83 -23.41 -34.78
CA LEU E 135 4.40 -24.35 -33.80
C LEU E 135 5.78 -23.86 -33.36
N LEU E 136 6.57 -23.34 -34.30
CA LEU E 136 7.88 -22.82 -33.93
C LEU E 136 7.73 -21.62 -33.01
N ALA E 137 6.72 -20.78 -33.28
CA ALA E 137 6.47 -19.63 -32.43
C ALA E 137 6.06 -20.05 -31.03
N SER E 138 5.25 -21.10 -30.91
CA SER E 138 4.84 -21.57 -29.60
C SER E 138 6.03 -22.07 -28.78
N ILE E 139 6.91 -22.85 -29.40
CA ILE E 139 8.07 -23.35 -28.69
C ILE E 139 8.98 -22.20 -28.27
N CYS E 140 9.21 -21.26 -29.19
CA CYS E 140 10.07 -20.13 -28.88
C CYS E 140 9.48 -19.26 -27.78
N SER E 141 8.14 -19.13 -27.76
CA SER E 141 7.50 -18.35 -26.71
C SER E 141 7.68 -18.99 -25.34
N LEU E 142 7.56 -20.32 -25.26
CA LEU E 142 7.79 -20.97 -23.97
C LEU E 142 9.24 -20.79 -23.53
N LEU E 143 10.17 -20.86 -24.48
CA LEU E 143 11.57 -20.64 -24.12
C LEU E 143 11.78 -19.21 -23.63
N SER E 144 11.15 -18.23 -24.29
CA SER E 144 11.29 -16.84 -23.87
C SER E 144 10.74 -16.62 -22.47
N ILE E 145 9.64 -17.29 -22.12
CA ILE E 145 9.12 -17.18 -20.77
C ILE E 145 10.12 -17.74 -19.76
N ALA E 146 10.67 -18.93 -20.05
CA ALA E 146 11.64 -19.52 -19.13
C ALA E 146 12.86 -18.63 -18.97
N VAL E 147 13.31 -18.01 -20.07
CA VAL E 147 14.49 -17.14 -20.01
C VAL E 147 14.19 -15.88 -19.20
N ASP E 148 13.00 -15.34 -19.42
CA ASP E 148 12.55 -14.16 -18.72
C ASP E 148 12.64 -14.40 -17.24
N ARG E 149 12.06 -15.51 -16.80
CA ARG E 149 12.03 -15.87 -15.37
C ARG E 149 13.43 -16.11 -14.84
N TYR E 150 14.28 -16.78 -15.63
CA TYR E 150 15.66 -17.00 -15.20
C TYR E 150 16.33 -15.67 -14.93
N PHE E 151 16.12 -14.70 -15.84
CA PHE E 151 16.70 -13.38 -15.70
C PHE E 151 16.26 -12.72 -14.40
N THR E 152 14.96 -12.74 -14.12
CA THR E 152 14.49 -12.10 -12.89
C THR E 152 15.12 -12.76 -11.66
N ILE E 153 15.08 -14.09 -11.58
CA ILE E 153 15.63 -14.77 -10.41
C ILE E 153 17.15 -14.56 -10.27
N PHE E 154 17.88 -14.51 -11.39
CA PHE E 154 19.33 -14.39 -11.33
C PHE E 154 19.88 -13.00 -11.67
N TYR E 155 19.02 -12.01 -11.84
CA TYR E 155 19.46 -10.66 -12.17
C TYR E 155 18.40 -9.73 -11.58
N ALA E 156 18.12 -9.95 -10.30
CA ALA E 156 17.05 -9.25 -9.62
C ALA E 156 17.27 -7.75 -9.58
N LEU E 157 18.52 -7.32 -9.39
CA LEU E 157 18.80 -5.89 -9.28
C LEU E 157 18.99 -5.22 -10.63
N GLN E 158 19.44 -5.95 -11.65
CA GLN E 158 19.64 -5.36 -12.97
C GLN E 158 18.46 -5.55 -13.89
N TYR E 159 17.57 -6.51 -13.60
CA TYR E 159 16.48 -6.91 -14.50
C TYR E 159 15.82 -5.75 -15.24
N HIS E 160 15.50 -4.68 -14.53
CA HIS E 160 14.78 -3.58 -15.17
C HIS E 160 15.64 -2.78 -16.13
N ASN E 161 16.95 -3.00 -16.11
CA ASN E 161 17.87 -2.32 -17.00
C ASN E 161 18.22 -3.23 -18.18
N ILE E 162 17.65 -4.42 -18.18
CA ILE E 162 17.87 -5.40 -19.24
C ILE E 162 16.61 -5.61 -20.07
N MET E 163 15.52 -6.02 -19.43
CA MET E 163 14.27 -6.30 -20.13
C MET E 163 13.39 -5.07 -20.23
N THR E 164 13.90 -4.08 -20.95
CA THR E 164 13.18 -2.86 -21.23
C THR E 164 12.14 -3.13 -22.32
N VAL E 165 11.03 -2.39 -22.27
CA VAL E 165 9.91 -2.67 -23.18
C VAL E 165 10.36 -2.62 -24.63
N LYS E 166 11.25 -1.68 -24.97
CA LYS E 166 11.81 -1.64 -26.32
C LYS E 166 12.44 -2.98 -26.69
N ARG E 167 13.20 -3.57 -25.76
CA ARG E 167 13.88 -4.82 -26.06
C ARG E 167 12.90 -5.98 -26.10
N VAL E 168 11.84 -5.91 -25.29
CA VAL E 168 10.83 -6.96 -25.34
C VAL E 168 10.13 -6.96 -26.68
N GLY E 169 9.77 -5.77 -27.17
CA GLY E 169 9.16 -5.69 -28.49
C GLY E 169 10.08 -6.17 -29.58
N ILE E 170 11.37 -5.81 -29.50
CA ILE E 170 12.33 -6.25 -30.50
C ILE E 170 12.46 -7.77 -30.49
N ILE E 171 12.56 -8.36 -29.29
CA ILE E 171 12.73 -9.80 -29.17
C ILE E 171 11.51 -10.53 -29.72
N ILE E 172 10.31 -10.07 -29.34
CA ILE E 172 9.11 -10.77 -29.80
C ILE E 172 8.96 -10.67 -31.30
N SER E 173 9.20 -9.48 -31.87
CA SER E 173 9.09 -9.33 -33.32
C SER E 173 10.13 -10.18 -34.05
N CYS E 174 11.36 -10.22 -33.52
CA CYS E 174 12.39 -11.05 -34.16
C CYS E 174 12.04 -12.53 -34.09
N ILE E 175 11.49 -12.97 -32.96
CA ILE E 175 11.11 -14.37 -32.81
C ILE E 175 10.01 -14.72 -33.81
N TRP E 176 8.99 -13.87 -33.91
CA TRP E 176 7.89 -14.14 -34.83
C TRP E 176 8.36 -14.12 -36.28
N ALA E 177 9.24 -13.19 -36.64
CA ALA E 177 9.74 -13.16 -38.01
C ALA E 177 10.57 -14.40 -38.34
N ALA E 178 11.43 -14.82 -37.41
CA ALA E 178 12.25 -16.00 -37.66
C ALA E 178 11.37 -17.26 -37.73
N CYS E 179 10.36 -17.36 -36.86
CA CYS E 179 9.49 -18.52 -36.88
C CYS E 179 8.69 -18.59 -38.17
N THR E 180 8.19 -17.44 -38.66
CA THR E 180 7.44 -17.43 -39.91
C THR E 180 8.33 -17.84 -41.07
N VAL E 181 9.53 -17.28 -41.14
CA VAL E 181 10.44 -17.59 -42.24
C VAL E 181 10.83 -19.06 -42.20
N SER E 182 11.15 -19.58 -41.02
CA SER E 182 11.54 -20.97 -40.91
C SER E 182 10.37 -21.89 -41.28
N GLY E 183 9.15 -21.54 -40.87
CA GLY E 183 8.01 -22.36 -41.23
C GLY E 183 7.81 -22.42 -42.73
N ILE E 184 8.03 -21.28 -43.41
CA ILE E 184 7.86 -21.26 -44.86
C ILE E 184 8.94 -22.11 -45.53
N LEU E 185 10.19 -21.94 -45.12
CA LEU E 185 11.24 -22.74 -45.75
C LEU E 185 11.07 -24.22 -45.43
N PHE E 186 10.61 -24.55 -44.20
CA PHE E 186 10.43 -25.95 -43.84
C PHE E 186 9.25 -26.59 -44.54
N ILE E 187 8.33 -25.80 -45.09
CA ILE E 187 7.25 -26.42 -45.85
C ILE E 187 7.57 -26.47 -47.34
N ILE E 188 8.18 -25.40 -47.88
CA ILE E 188 8.53 -25.40 -49.30
C ILE E 188 9.45 -26.58 -49.62
N TYR E 189 10.40 -26.87 -48.74
CA TYR E 189 11.35 -27.95 -48.92
C TYR E 189 11.06 -29.10 -47.96
N SER E 190 9.77 -29.37 -47.71
CA SER E 190 9.39 -30.42 -46.76
C SER E 190 9.89 -31.79 -47.19
N ASP E 191 10.07 -32.01 -48.49
CA ASP E 191 10.58 -33.29 -48.98
C ASP E 191 12.11 -33.28 -48.99
N SER E 192 12.66 -33.18 -47.78
CA SER E 192 14.11 -33.17 -47.59
C SER E 192 14.42 -33.50 -46.13
N SER E 193 15.44 -34.30 -45.91
CA SER E 193 15.82 -34.70 -44.56
C SER E 193 16.33 -33.52 -43.74
N ALA E 194 16.82 -32.48 -44.41
CA ALA E 194 17.37 -31.34 -43.69
C ALA E 194 16.31 -30.66 -42.84
N VAL E 195 15.07 -30.62 -43.33
CA VAL E 195 14.02 -29.92 -42.59
C VAL E 195 13.63 -30.69 -41.35
N ILE E 196 13.44 -32.00 -41.46
CA ILE E 196 13.09 -32.80 -40.29
C ILE E 196 14.23 -32.78 -39.27
N ILE E 197 15.47 -32.89 -39.75
CA ILE E 197 16.62 -32.84 -38.84
C ILE E 197 16.66 -31.51 -38.10
N CYS E 198 16.44 -30.40 -38.81
CA CYS E 198 16.47 -29.11 -38.14
C CYS E 198 15.31 -28.96 -37.16
N LEU E 199 14.17 -29.60 -37.44
CA LEU E 199 13.05 -29.49 -36.51
C LEU E 199 13.33 -30.26 -35.23
N ILE E 200 13.91 -31.45 -35.34
CA ILE E 200 14.17 -32.19 -34.11
C ILE E 200 15.32 -31.55 -33.33
N THR E 201 16.29 -30.97 -34.03
CA THR E 201 17.38 -30.30 -33.33
C THR E 201 16.85 -29.10 -32.55
N MET E 202 16.02 -28.27 -33.19
CA MET E 202 15.48 -27.11 -32.49
C MET E 202 14.63 -27.54 -31.30
N PHE E 203 13.80 -28.58 -31.47
CA PHE E 203 12.98 -29.00 -30.35
C PHE E 203 13.86 -29.44 -29.18
N PHE E 204 14.89 -30.26 -29.45
CA PHE E 204 15.53 -30.89 -28.31
C PHE E 204 16.50 -29.93 -27.65
N THR E 205 17.01 -28.97 -28.43
CA THR E 205 17.82 -27.91 -27.85
C THR E 205 16.98 -27.04 -26.93
N MET E 206 15.75 -26.72 -27.36
CA MET E 206 14.94 -25.84 -26.52
C MET E 206 14.35 -26.59 -25.33
N LEU E 207 14.12 -27.89 -25.46
CA LEU E 207 13.71 -28.69 -24.31
C LEU E 207 14.82 -28.73 -23.26
N ALA E 208 16.05 -28.99 -23.70
CA ALA E 208 17.17 -29.02 -22.76
C ALA E 208 17.35 -27.68 -22.08
N LEU E 209 17.20 -26.58 -22.85
CA LEU E 209 17.36 -25.26 -22.25
C LEU E 209 16.27 -24.97 -21.22
N MET E 210 15.01 -25.31 -21.54
CA MET E 210 13.93 -25.04 -20.61
C MET E 210 14.11 -25.85 -19.33
N ALA E 211 14.43 -27.13 -19.45
CA ALA E 211 14.61 -27.97 -18.27
C ALA E 211 15.78 -27.47 -17.42
N SER E 212 16.87 -27.06 -18.07
CA SER E 212 18.01 -26.57 -17.31
C SER E 212 17.67 -25.31 -16.54
N LEU E 213 16.96 -24.37 -17.19
CA LEU E 213 16.64 -23.11 -16.53
C LEU E 213 15.72 -23.33 -15.34
N TYR E 214 14.72 -24.21 -15.49
CA TYR E 214 13.80 -24.42 -14.38
C TYR E 214 14.46 -25.22 -13.26
N VAL E 215 15.35 -26.15 -13.60
CA VAL E 215 16.04 -26.89 -12.55
C VAL E 215 16.94 -25.96 -11.73
N HIS E 216 17.65 -25.05 -12.41
CA HIS E 216 18.50 -24.12 -11.68
C HIS E 216 17.69 -23.22 -10.76
N MET E 217 16.56 -22.69 -11.27
CA MET E 217 15.72 -21.85 -10.41
C MET E 217 15.19 -22.65 -9.21
N PHE E 218 14.82 -23.90 -9.43
CA PHE E 218 14.39 -24.77 -8.34
C PHE E 218 15.49 -24.93 -7.29
N LEU E 219 16.72 -25.17 -7.74
CA LEU E 219 17.81 -25.35 -6.79
C LEU E 219 18.04 -24.08 -5.97
N MET E 220 17.90 -22.91 -6.61
CA MET E 220 18.02 -21.67 -5.85
C MET E 220 16.89 -21.53 -4.82
N ALA E 221 15.67 -21.90 -5.22
CA ALA E 221 14.55 -21.86 -4.28
C ALA E 221 14.79 -22.80 -3.11
N ARG E 222 15.36 -23.97 -3.38
CA ARG E 222 15.65 -24.92 -2.31
C ARG E 222 16.69 -24.37 -1.35
N LEU E 223 17.69 -23.67 -1.89
CA LEU E 223 18.69 -23.05 -1.02
C LEU E 223 18.04 -22.02 -0.10
N HIS E 224 17.12 -21.23 -0.66
CA HIS E 224 16.40 -20.27 0.17
C HIS E 224 15.57 -20.99 1.22
N ILE E 225 14.96 -22.12 0.86
CA ILE E 225 14.15 -22.86 1.82
C ILE E 225 15.02 -23.32 2.98
N LYS E 226 16.21 -23.85 2.66
CA LYS E 226 17.12 -24.31 3.69
C LYS E 226 17.52 -23.18 4.62
N ARG E 227 17.74 -21.97 4.08
CA ARG E 227 18.12 -20.89 4.98
C ARG E 227 16.94 -20.35 5.79
N ILE E 228 15.75 -20.31 5.19
CA ILE E 228 14.57 -19.80 5.89
C ILE E 228 14.20 -20.72 7.05
N ALA E 229 14.26 -22.04 6.84
CA ALA E 229 13.84 -22.97 7.87
C ALA E 229 14.70 -22.94 9.12
N VAL E 230 15.96 -22.54 9.01
CA VAL E 230 16.87 -22.51 10.16
C VAL E 230 16.71 -21.23 10.97
N LEU E 231 15.64 -21.16 11.74
CA LEU E 231 15.30 -20.00 12.55
C LEU E 231 14.92 -20.42 13.96
N PRO E 232 15.24 -19.58 14.95
CA PRO E 232 14.89 -19.92 16.35
C PRO E 232 13.41 -20.02 16.62
N GLY E 233 12.56 -19.39 15.80
CA GLY E 233 11.13 -19.41 16.01
C GLY E 233 10.39 -20.49 15.26
N THR E 234 11.12 -21.34 14.53
CA THR E 234 10.51 -22.40 13.76
C THR E 234 11.33 -23.68 13.84
N GLN E 239 1.81 -30.03 2.40
CA GLN E 239 2.75 -29.98 1.28
C GLN E 239 4.13 -29.53 1.72
N GLY E 240 4.29 -28.22 1.81
CA GLY E 240 5.55 -27.57 2.14
C GLY E 240 6.18 -26.95 0.91
N ALA E 241 7.12 -26.02 1.15
CA ALA E 241 7.76 -25.35 0.03
C ALA E 241 8.50 -26.31 -0.88
N ASN E 242 9.07 -27.37 -0.31
CA ASN E 242 9.80 -28.38 -1.08
C ASN E 242 8.86 -29.16 -1.98
N MET E 243 7.62 -29.35 -1.54
CA MET E 243 6.64 -30.08 -2.33
C MET E 243 6.02 -29.16 -3.36
N LYS E 244 5.71 -27.92 -2.98
CA LYS E 244 5.15 -26.99 -3.95
C LYS E 244 6.11 -26.78 -5.10
N GLY E 245 7.40 -26.61 -4.79
CA GLY E 245 8.39 -26.45 -5.85
C GLY E 245 8.50 -27.67 -6.74
N ALA E 246 8.56 -28.86 -6.13
CA ALA E 246 8.68 -30.07 -6.94
C ALA E 246 7.45 -30.25 -7.84
N ILE E 247 6.27 -29.93 -7.33
CA ILE E 247 5.04 -30.06 -8.13
C ILE E 247 5.07 -29.05 -9.27
N THR E 248 5.52 -27.82 -9.00
CA THR E 248 5.59 -26.82 -10.05
C THR E 248 6.51 -27.28 -11.18
N LEU E 249 7.69 -27.82 -10.84
CA LEU E 249 8.57 -28.32 -11.89
C LEU E 249 7.95 -29.51 -12.60
N THR E 250 7.29 -30.40 -11.85
CA THR E 250 6.70 -31.58 -12.44
C THR E 250 5.66 -31.18 -13.49
N ILE E 251 4.79 -30.24 -13.14
CA ILE E 251 3.76 -29.83 -14.09
C ILE E 251 4.39 -29.11 -15.28
N LEU E 252 5.28 -28.16 -15.01
CA LEU E 252 5.82 -27.32 -16.08
C LEU E 252 6.61 -28.13 -17.09
N ILE E 253 7.44 -29.07 -16.64
CA ILE E 253 8.23 -29.85 -17.57
C ILE E 253 7.43 -31.03 -18.14
N GLY E 254 6.69 -31.74 -17.28
CA GLY E 254 5.93 -32.88 -17.73
C GLY E 254 4.90 -32.55 -18.79
N VAL E 255 4.21 -31.41 -18.64
CA VAL E 255 3.21 -31.05 -19.65
C VAL E 255 3.89 -30.79 -20.98
N PHE E 256 4.99 -30.05 -20.97
CA PHE E 256 5.71 -29.74 -22.20
C PHE E 256 6.17 -31.01 -22.89
N VAL E 257 6.82 -31.91 -22.14
CA VAL E 257 7.36 -33.12 -22.74
C VAL E 257 6.25 -34.05 -23.21
N VAL E 258 5.22 -34.25 -22.39
CA VAL E 258 4.15 -35.18 -22.77
C VAL E 258 3.38 -34.66 -23.98
N CYS E 259 3.08 -33.36 -24.02
CA CYS E 259 2.27 -32.83 -25.11
C CYS E 259 3.05 -32.57 -26.38
N TRP E 260 4.37 -32.42 -26.33
CA TRP E 260 5.15 -32.20 -27.55
C TRP E 260 5.83 -33.48 -28.02
N ALA E 261 6.62 -34.12 -27.17
CA ALA E 261 7.68 -35.02 -27.62
C ALA E 261 7.22 -36.13 -28.55
N PRO E 262 6.05 -36.76 -28.37
CA PRO E 262 5.65 -37.82 -29.32
C PRO E 262 5.71 -37.40 -30.79
N PHE E 263 5.39 -36.15 -31.11
CA PHE E 263 5.48 -35.69 -32.50
C PHE E 263 6.91 -35.73 -32.99
N PHE E 264 7.85 -35.26 -32.18
CA PHE E 264 9.24 -35.23 -32.64
C PHE E 264 9.83 -36.63 -32.61
N LEU E 265 9.33 -37.52 -31.74
CA LEU E 265 9.74 -38.92 -31.82
C LEU E 265 9.27 -39.50 -33.14
N HIS E 266 8.06 -39.12 -33.57
CA HIS E 266 7.55 -39.53 -34.87
C HIS E 266 8.49 -39.10 -35.97
N LEU E 267 8.91 -37.83 -35.96
CA LEU E 267 9.85 -37.36 -36.98
C LEU E 267 11.20 -38.08 -36.90
N ILE E 268 11.64 -38.42 -35.68
CA ILE E 268 12.88 -39.15 -35.52
C ILE E 268 12.77 -40.50 -36.21
N PHE E 269 11.64 -41.17 -36.03
CA PHE E 269 11.45 -42.45 -36.69
C PHE E 269 11.28 -42.26 -38.19
N TYR E 270 10.73 -41.11 -38.59
CA TYR E 270 10.53 -40.76 -39.99
C TYR E 270 11.85 -40.62 -40.73
N ILE E 271 12.93 -40.30 -40.03
CA ILE E 271 14.25 -40.42 -40.68
C ILE E 271 14.91 -41.75 -40.40
N SER E 272 15.02 -42.15 -39.14
CA SER E 272 15.76 -43.33 -38.73
C SER E 272 15.23 -44.66 -39.26
N CYS E 273 14.02 -45.03 -38.84
CA CYS E 273 13.41 -46.32 -39.14
C CYS E 273 12.02 -46.19 -39.75
N PRO E 274 11.94 -45.70 -40.99
CA PRO E 274 10.62 -45.57 -41.64
C PRO E 274 9.94 -46.89 -41.94
N GLN E 275 10.69 -47.88 -42.44
CA GLN E 275 10.13 -49.17 -42.85
C GLN E 275 10.11 -50.23 -41.76
N ASN E 276 10.67 -49.96 -40.58
CA ASN E 276 10.68 -50.95 -39.52
C ASN E 276 9.24 -51.31 -39.13
N PRO E 277 8.96 -52.59 -38.85
CA PRO E 277 7.59 -53.00 -38.49
C PRO E 277 7.04 -52.32 -37.24
N TYR E 278 7.87 -52.02 -36.25
CA TYR E 278 7.40 -51.39 -35.02
C TYR E 278 7.30 -49.89 -35.15
N CYS E 279 8.26 -49.26 -35.84
CA CYS E 279 8.18 -47.82 -36.04
C CYS E 279 7.00 -47.44 -36.92
N VAL E 280 6.60 -48.29 -37.86
CA VAL E 280 5.41 -48.01 -38.65
C VAL E 280 4.18 -47.97 -37.75
N CYS E 281 4.10 -48.92 -36.82
CA CYS E 281 2.98 -48.94 -35.89
C CYS E 281 2.99 -47.68 -35.04
N PHE E 282 4.17 -47.27 -34.56
CA PHE E 282 4.26 -46.04 -33.78
C PHE E 282 3.83 -44.83 -34.60
N MET E 283 4.19 -44.80 -35.90
CA MET E 283 3.87 -43.65 -36.73
C MET E 283 2.40 -43.61 -37.10
N SER E 284 1.70 -44.73 -36.94
CA SER E 284 0.27 -44.74 -37.25
C SER E 284 -0.53 -43.77 -36.38
N HIS E 285 0.09 -43.26 -35.32
CA HIS E 285 -0.60 -42.37 -34.40
C HIS E 285 -0.33 -40.88 -34.60
N PHE E 286 0.11 -40.51 -35.80
CA PHE E 286 0.33 -39.11 -36.13
C PHE E 286 -0.88 -38.26 -35.78
N ASN E 287 -2.08 -38.77 -36.08
CA ASN E 287 -3.32 -38.02 -35.87
C ASN E 287 -3.64 -37.85 -34.39
N LEU E 288 -2.91 -38.56 -33.55
CA LEU E 288 -3.10 -38.44 -32.12
C LEU E 288 -2.04 -37.48 -31.59
N TYR E 289 -0.86 -37.51 -32.20
CA TYR E 289 0.21 -36.62 -31.76
C TYR E 289 -0.17 -35.18 -32.05
N LEU E 290 -0.93 -34.95 -33.13
CA LEU E 290 -1.44 -33.61 -33.39
C LEU E 290 -2.44 -33.19 -32.32
N ILE E 291 -3.21 -34.15 -31.79
CA ILE E 291 -4.17 -33.80 -30.75
C ILE E 291 -3.43 -33.46 -29.47
N LEU E 292 -2.38 -34.22 -29.15
CA LEU E 292 -1.59 -33.89 -27.97
C LEU E 292 -0.99 -32.50 -28.08
N ILE E 293 -0.54 -32.13 -29.29
CA ILE E 293 0.01 -30.79 -29.46
C ILE E 293 -1.09 -29.74 -29.26
N MET E 294 -2.26 -29.94 -29.85
CA MET E 294 -3.33 -28.97 -29.64
C MET E 294 -3.77 -28.94 -28.17
N CYS E 295 -3.66 -30.08 -27.48
CA CYS E 295 -3.97 -30.11 -26.06
C CYS E 295 -2.97 -29.31 -25.27
N ASN E 296 -1.77 -29.10 -25.82
CA ASN E 296 -0.88 -28.18 -25.11
C ASN E 296 -1.34 -26.74 -25.31
N SER E 297 -1.94 -26.44 -26.47
CA SER E 297 -2.46 -25.10 -26.70
C SER E 297 -3.62 -24.81 -25.75
N ILE E 298 -4.41 -25.84 -25.45
CA ILE E 298 -5.53 -25.65 -24.53
C ILE E 298 -5.07 -25.62 -23.07
N ILE E 299 -4.02 -26.37 -22.72
CA ILE E 299 -3.60 -26.46 -21.32
C ILE E 299 -2.71 -25.29 -20.91
N ASP E 300 -1.72 -24.94 -21.73
CA ASP E 300 -0.69 -23.99 -21.31
C ASP E 300 -1.19 -22.71 -20.65
N PRO E 301 -2.27 -22.07 -21.09
CA PRO E 301 -2.75 -20.87 -20.37
C PRO E 301 -3.00 -21.11 -18.89
N LEU E 302 -3.34 -22.34 -18.48
CA LEU E 302 -3.64 -22.62 -17.08
C LEU E 302 -2.41 -22.72 -16.20
N ILE E 303 -1.22 -22.85 -16.77
CA ILE E 303 -0.01 -22.95 -15.96
C ILE E 303 0.89 -21.74 -16.07
N TYR E 304 0.46 -20.71 -16.81
CA TYR E 304 1.22 -19.47 -16.89
C TYR E 304 0.29 -18.29 -16.63
N ALA E 305 -0.66 -18.08 -17.55
CA ALA E 305 -1.55 -16.93 -17.47
C ALA E 305 -2.46 -16.97 -16.25
N LEU E 306 -2.89 -18.16 -15.83
CA LEU E 306 -3.87 -18.27 -14.75
C LEU E 306 -3.23 -18.43 -13.38
N ARG E 307 -1.92 -18.33 -13.26
CA ARG E 307 -1.32 -18.40 -11.94
C ARG E 307 -1.25 -17.03 -11.27
N SER E 308 -1.21 -15.98 -12.09
CA SER E 308 -1.18 -14.60 -11.59
C SER E 308 -2.55 -14.20 -11.07
N GLN E 309 -2.59 -13.50 -9.93
CA GLN E 309 -3.88 -13.07 -9.38
C GLN E 309 -4.56 -12.02 -10.24
N GLU E 310 -3.78 -11.11 -10.83
CA GLU E 310 -4.39 -10.05 -11.63
C GLU E 310 -5.06 -10.60 -12.87
N LEU E 311 -4.41 -11.56 -13.55
CA LEU E 311 -5.03 -12.16 -14.73
C LEU E 311 -6.28 -12.93 -14.34
N ARG E 312 -6.30 -13.51 -13.14
CA ARG E 312 -7.49 -14.23 -12.69
C ARG E 312 -8.65 -13.26 -12.48
N LYS E 313 -8.36 -12.15 -11.81
CA LYS E 313 -9.38 -11.14 -11.56
C LYS E 313 -9.94 -10.61 -12.88
N THR E 314 -9.04 -10.33 -13.82
CA THR E 314 -9.45 -9.80 -15.11
C THR E 314 -10.29 -10.83 -15.86
N PHE E 315 -9.89 -12.11 -15.79
CA PHE E 315 -10.67 -13.17 -16.42
C PHE E 315 -12.07 -13.19 -15.86
N LYS E 316 -12.20 -13.05 -14.54
CA LYS E 316 -13.51 -13.32 -13.97
C LYS E 316 -14.44 -12.15 -14.31
N GLU E 317 -13.88 -10.94 -14.33
CA GLU E 317 -14.68 -9.79 -14.73
C GLU E 317 -15.10 -9.89 -16.19
N ILE E 318 -14.18 -10.34 -17.06
CA ILE E 318 -14.51 -10.46 -18.48
C ILE E 318 -15.57 -11.53 -18.66
N ILE E 319 -15.44 -12.64 -17.95
CA ILE E 319 -16.37 -13.76 -18.11
C ILE E 319 -17.76 -13.32 -17.68
N CYS E 320 -17.86 -12.59 -16.57
CA CYS E 320 -19.19 -12.16 -16.15
C CYS E 320 -19.75 -11.10 -17.10
N CYS E 321 -18.89 -10.29 -17.72
CA CYS E 321 -19.39 -9.34 -18.72
C CYS E 321 -19.82 -10.06 -19.99
N TYR E 322 -19.08 -11.11 -20.39
CA TYR E 322 -19.38 -11.84 -21.61
C TYR E 322 -19.55 -13.32 -21.32
N NLE F 1 -4.89 -31.15 -46.95
CA NLE F 1 -4.63 -32.54 -47.25
C NLE F 1 -3.78 -33.18 -46.19
O NLE F 1 -2.84 -32.51 -45.70
CB NLE F 1 -3.90 -32.64 -48.58
CG NLE F 1 -4.82 -33.16 -49.66
CD NLE F 1 -5.61 -34.34 -49.10
CE NLE F 1 -6.55 -34.91 -50.14
N ASP F 2 -4.17 -34.40 -45.78
CA ASP F 2 -3.47 -35.25 -44.80
C ASP F 2 -3.70 -34.51 -43.46
N HIS F 3 -2.73 -34.54 -42.56
CA HIS F 3 -2.83 -33.84 -41.28
C HIS F 3 -1.40 -33.42 -41.08
N DPN F 4 -1.14 -32.12 -41.02
CA DPN F 4 0.23 -31.67 -41.02
C DPN F 4 0.88 -32.15 -42.29
O DPN F 4 0.33 -32.07 -43.41
CB DPN F 4 0.36 -30.17 -40.83
CG DPN F 4 1.70 -29.96 -40.16
CD1 DPN F 4 2.73 -29.35 -40.84
CD2 DPN F 4 1.88 -30.39 -38.86
CE1 DPN F 4 3.96 -29.15 -40.23
CE2 DPN F 4 3.11 -30.19 -38.24
CZ DPN F 4 4.15 -29.58 -38.92
N ARG F 5 2.10 -32.63 -42.10
CA ARG F 5 2.93 -33.25 -43.14
C ARG F 5 3.80 -34.32 -42.49
N TRP F 6 4.72 -34.96 -43.24
CA TRP F 6 5.54 -36.03 -42.70
C TRP F 6 4.71 -37.07 -41.94
N LYS F 7 3.45 -37.28 -42.34
CA LYS F 7 2.54 -38.22 -41.67
C LYS F 7 2.82 -39.61 -42.27
CA CA G . -1.26 -30.60 -44.42
#